data_2X3E
#
_entry.id   2X3E
#
_cell.length_a   69.240
_cell.length_b   69.240
_cell.length_c   212.190
_cell.angle_alpha   90.00
_cell.angle_beta   90.00
_cell.angle_gamma   120.00
#
_symmetry.space_group_name_H-M   'P 65'
#
loop_
_entity.id
_entity.type
_entity.pdbx_description
1 polymer '3-OXOACYL-[ACYL-CARRIER-PROTEIN] SYNTHASE 3'
2 water water
#
_entity_poly.entity_id   1
_entity_poly.type   'polypeptide(L)'
_entity_poly.pdbx_seq_one_letter_code
;GMPRAAVVCGLGSYLPEAVLSNDMLAAELDTSDAWISSRTGVRQRHIAGDLGSGDLALRAASAALASAGLERVDAVVLAT
STGDFCCPATAPRVAARLGLVGALAFDLSAAATGFVYGLASVGSLISAGLADSALLVGVDTFSHTLDPADRSTRALFGDG
AGAVVLRAGDAEEEGALLAFDLGSDGHQFDLLMTPAVSRAERSSGQASNYFRMDGKAVFGQAVTQMSDSVRRVLDRVGWQ
ASDLHHLVPHQANTRILAAVADQLDLPVERVVSNIAEVGNTVAASIPLALAHGLRQGILRDGGNMVLTGFGAGLTWGSVA
LRWPKIVPTMD
;
_entity_poly.pdbx_strand_id   A,B
#
# COMPACT_ATOMS: atom_id res chain seq x y z
N ARG A 4 15.14 -16.30 -10.37
CA ARG A 4 15.16 -14.81 -10.43
C ARG A 4 14.93 -14.19 -9.04
N ALA A 5 15.98 -13.57 -8.51
CA ALA A 5 15.94 -12.98 -7.17
C ALA A 5 15.86 -11.46 -7.27
N ALA A 6 15.52 -10.85 -6.14
CA ALA A 6 15.59 -9.41 -5.98
C ALA A 6 16.81 -9.10 -5.11
N VAL A 7 17.70 -8.26 -5.64
CA VAL A 7 18.99 -7.97 -5.00
C VAL A 7 19.11 -6.51 -4.59
N VAL A 8 19.45 -6.28 -3.31
CA VAL A 8 19.73 -4.93 -2.84
C VAL A 8 21.03 -4.43 -3.49
N CYS A 9 20.97 -3.23 -4.08
CA CYS A 9 22.14 -2.66 -4.76
C CYS A 9 22.36 -1.16 -4.51
N GLY A 10 21.55 -0.55 -3.65
CA GLY A 10 21.68 0.87 -3.34
C GLY A 10 20.98 1.23 -2.05
N LEU A 11 21.52 2.23 -1.34
CA LEU A 11 20.95 2.71 -0.08
C LEU A 11 21.10 4.22 -0.02
N GLY A 12 20.06 4.89 0.45
CA GLY A 12 20.09 6.31 0.68
C GLY A 12 19.11 6.68 1.77
N SER A 13 19.25 7.88 2.32
CA SER A 13 18.37 8.33 3.39
C SER A 13 18.34 9.84 3.47
N TYR A 14 17.35 10.35 4.19
CA TYR A 14 17.25 11.78 4.47
C TYR A 14 16.53 12.00 5.79
N LEU A 15 17.12 12.85 6.62
CA LEU A 15 16.52 13.28 7.88
C LEU A 15 16.26 14.78 7.78
N PRO A 16 15.07 15.23 8.23
CA PRO A 16 14.83 16.66 8.24
C PRO A 16 15.81 17.38 9.16
N GLU A 17 16.06 18.65 8.85
CA GLU A 17 17.10 19.43 9.53
C GLU A 17 16.75 19.68 11.00
N ALA A 18 15.51 20.06 11.26
CA ALA A 18 15.07 20.44 12.60
C ALA A 18 15.15 19.24 13.55
N VAL A 19 15.64 19.50 14.77
CA VAL A 19 15.81 18.45 15.76
C VAL A 19 15.10 18.88 17.05
N LEU A 20 14.39 17.94 17.67
CA LEU A 20 13.76 18.16 18.97
C LEU A 20 14.59 17.48 20.05
N SER A 21 15.20 18.29 20.91
CA SER A 21 16.02 17.77 22.02
C SER A 21 15.15 17.49 23.25
N ASN A 22 15.69 16.72 24.18
CA ASN A 22 15.03 16.48 25.46
C ASN A 22 14.78 17.78 26.21
N ASP A 23 15.77 18.67 26.21
CA ASP A 23 15.63 19.98 26.85
C ASP A 23 14.46 20.77 26.27
N MET A 24 14.33 20.79 24.95
CA MET A 24 13.22 21.49 24.30
CA MET A 24 13.21 21.47 24.28
C MET A 24 11.89 20.87 24.72
N LEU A 25 11.80 19.54 24.62
CA LEU A 25 10.57 18.83 24.97
C LEU A 25 10.22 18.99 26.44
N ALA A 26 11.22 18.94 27.31
CA ALA A 26 11.02 19.15 28.74
C ALA A 26 10.47 20.55 29.05
N ALA A 27 10.98 21.56 28.35
CA ALA A 27 10.52 22.93 28.54
C ALA A 27 9.09 23.11 28.07
N GLU A 28 8.79 22.52 26.92
CA GLU A 28 7.48 22.64 26.30
C GLU A 28 6.36 21.98 27.11
N LEU A 29 6.65 20.80 27.68
CA LEU A 29 5.63 20.00 28.36
C LEU A 29 5.84 19.92 29.87
N ASP A 30 6.68 20.81 30.41
CA ASP A 30 6.91 20.89 31.85
C ASP A 30 7.28 19.53 32.47
N THR A 31 8.19 18.83 31.82
CA THR A 31 8.73 17.57 32.33
C THR A 31 10.26 17.70 32.49
N SER A 32 10.99 16.59 32.40
CA SER A 32 12.43 16.59 32.66
CA SER A 32 12.43 16.60 32.66
C SER A 32 13.20 15.76 31.64
N ASP A 33 14.49 16.06 31.51
CA ASP A 33 15.39 15.33 30.61
C ASP A 33 15.50 13.86 31.02
N ALA A 34 15.63 13.64 32.33
CA ALA A 34 15.72 12.31 32.90
C ALA A 34 14.60 11.38 32.41
N TRP A 35 13.36 11.80 32.63
CA TRP A 35 12.17 11.02 32.25
C TRP A 35 12.19 10.59 30.78
N ILE A 36 12.59 11.49 29.91
CA ILE A 36 12.59 11.24 28.47
C ILE A 36 13.61 10.16 28.09
N SER A 37 14.84 10.28 28.62
CA SER A 37 15.89 9.28 28.38
C SER A 37 15.52 7.95 29.02
N SER A 38 15.18 8.00 30.31
CA SER A 38 14.78 6.81 31.07
C SER A 38 13.80 5.93 30.29
N ARG A 39 12.66 6.51 29.94
CA ARG A 39 11.58 5.76 29.30
C ARG A 39 11.95 5.27 27.91
N THR A 40 12.57 6.12 27.10
CA THR A 40 12.79 5.81 25.69
C THR A 40 14.26 5.62 25.28
N GLY A 41 15.19 6.21 26.03
CA GLY A 41 16.59 6.27 25.63
C GLY A 41 16.86 7.17 24.43
N VAL A 42 15.79 7.74 23.86
CA VAL A 42 15.90 8.64 22.72
C VAL A 42 16.35 10.01 23.23
N ARG A 43 17.43 10.52 22.66
CA ARG A 43 17.95 11.83 23.04
C ARG A 43 17.62 12.93 22.03
N GLN A 44 17.43 12.56 20.76
CA GLN A 44 16.90 13.52 19.79
C GLN A 44 16.08 12.87 18.69
N ARG A 45 15.27 13.70 18.05
CA ARG A 45 14.41 13.26 16.97
C ARG A 45 14.26 14.39 15.95
N HIS A 46 14.30 14.02 14.67
CA HIS A 46 14.23 14.98 13.58
C HIS A 46 12.76 15.24 13.24
N ILE A 47 12.46 16.51 12.99
CA ILE A 47 11.07 16.98 12.86
C ILE A 47 10.86 17.58 11.47
N ALA A 48 9.92 17.00 10.73
CA ALA A 48 9.70 17.37 9.33
C ALA A 48 9.23 18.82 9.14
N GLY A 49 8.41 19.30 10.07
CA GLY A 49 7.94 20.69 10.02
C GLY A 49 7.05 20.93 8.83
N ASP A 50 7.47 21.79 7.90
CA ASP A 50 6.68 22.04 6.69
C ASP A 50 6.87 20.99 5.61
N LEU A 51 7.85 20.10 5.78
CA LEU A 51 8.10 19.01 4.83
C LEU A 51 7.17 17.84 5.10
N GLY A 52 6.71 17.19 4.04
CA GLY A 52 5.88 15.98 4.14
C GLY A 52 6.69 14.74 3.87
N SER A 53 6.05 13.57 3.99
CA SER A 53 6.69 12.30 3.67
C SER A 53 7.24 12.29 2.24
N GLY A 54 6.49 12.86 1.30
CA GLY A 54 6.92 12.91 -0.10
C GLY A 54 8.25 13.62 -0.27
N ASP A 55 8.39 14.77 0.38
CA ASP A 55 9.63 15.54 0.36
C ASP A 55 10.82 14.73 0.89
N LEU A 56 10.63 14.04 2.02
CA LEU A 56 11.71 13.25 2.63
C LEU A 56 12.05 12.06 1.75
N ALA A 57 11.02 11.42 1.21
CA ALA A 57 11.19 10.26 0.34
C ALA A 57 11.97 10.63 -0.93
N LEU A 58 11.73 11.82 -1.46
CA LEU A 58 12.40 12.29 -2.67
C LEU A 58 13.91 12.38 -2.43
N ARG A 59 14.31 12.96 -1.32
CA ARG A 59 15.73 13.10 -1.00
C ARG A 59 16.39 11.75 -0.76
N ALA A 60 15.72 10.86 -0.03
CA ALA A 60 16.27 9.52 0.23
C ALA A 60 16.44 8.71 -1.06
N ALA A 61 15.43 8.78 -1.92
CA ALA A 61 15.42 8.05 -3.18
C ALA A 61 16.49 8.53 -4.15
N SER A 62 16.68 9.85 -4.25
CA SER A 62 17.73 10.41 -5.10
CA SER A 62 17.72 10.40 -5.10
C SER A 62 19.10 9.91 -4.64
N ALA A 63 19.33 9.91 -3.33
CA ALA A 63 20.59 9.42 -2.76
C ALA A 63 20.77 7.92 -3.02
N ALA A 64 19.67 7.17 -2.91
CA ALA A 64 19.69 5.73 -3.16
C ALA A 64 20.05 5.39 -4.61
N LEU A 65 19.54 6.19 -5.55
CA LEU A 65 19.84 6.00 -6.97
C LEU A 65 21.30 6.26 -7.28
N ALA A 66 21.85 7.31 -6.66
CA ALA A 66 23.28 7.63 -6.77
C ALA A 66 24.12 6.48 -6.23
N SER A 67 23.73 5.96 -5.07
CA SER A 67 24.41 4.80 -4.46
C SER A 67 24.42 3.57 -5.38
N ALA A 68 23.29 3.29 -6.01
CA ALA A 68 23.17 2.14 -6.92
C ALA A 68 23.85 2.37 -8.29
N GLY A 69 24.19 3.60 -8.60
CA GLY A 69 24.77 3.94 -9.90
C GLY A 69 23.74 3.78 -11.02
N LEU A 70 22.47 3.91 -10.69
CA LEU A 70 21.38 3.80 -11.64
C LEU A 70 20.67 5.14 -11.74
N GLU A 71 20.22 5.51 -12.94
CA GLU A 71 19.48 6.75 -13.10
CA GLU A 71 19.48 6.75 -13.14
C GLU A 71 17.99 6.50 -13.39
N ARG A 72 17.63 5.24 -13.62
CA ARG A 72 16.23 4.85 -13.80
C ARG A 72 15.94 3.54 -13.08
N VAL A 73 14.72 3.42 -12.56
CA VAL A 73 14.17 2.14 -12.10
C VAL A 73 12.74 2.00 -12.64
N ASP A 74 12.22 0.79 -12.64
CA ASP A 74 10.89 0.52 -13.24
C ASP A 74 9.74 0.84 -12.30
N ALA A 75 10.03 0.87 -11.00
CA ALA A 75 9.00 0.94 -9.97
C ALA A 75 9.47 1.79 -8.78
N VAL A 76 8.52 2.54 -8.21
CA VAL A 76 8.77 3.32 -7.00
C VAL A 76 7.65 3.06 -5.99
N VAL A 77 8.00 2.43 -4.87
CA VAL A 77 7.02 2.09 -3.84
C VAL A 77 7.38 2.77 -2.53
N LEU A 78 6.40 3.44 -1.91
CA LEU A 78 6.59 4.02 -0.59
C LEU A 78 5.83 3.19 0.43
N ALA A 79 6.57 2.74 1.45
CA ALA A 79 5.97 2.15 2.65
C ALA A 79 5.77 3.29 3.63
N THR A 80 4.49 3.68 3.86
CA THR A 80 4.17 4.83 4.71
C THR A 80 2.76 4.74 5.29
N SER A 81 2.58 5.35 6.46
CA SER A 81 1.27 5.56 7.07
C SER A 81 0.93 7.06 7.16
N THR A 82 1.77 7.89 6.56
CA THR A 82 1.66 9.33 6.66
C THR A 82 1.88 9.95 5.29
N GLY A 83 1.09 9.48 4.32
CA GLY A 83 1.15 10.00 2.96
C GLY A 83 0.76 11.46 2.91
N ASP A 84 1.20 12.16 1.87
CA ASP A 84 0.91 13.59 1.70
C ASP A 84 -0.59 13.85 1.54
N PHE A 85 -1.31 12.90 0.95
CA PHE A 85 -2.75 13.03 0.70
C PHE A 85 -3.51 11.82 1.23
N CYS A 86 -4.84 11.93 1.28
CA CYS A 86 -5.70 10.76 1.50
C CYS A 86 -5.87 10.03 0.17
N CYS A 87 -5.97 10.82 -0.90
CA CYS A 87 -5.95 10.33 -2.27
C CYS A 87 -5.33 11.43 -3.13
N PRO A 88 -4.35 11.09 -4.00
CA PRO A 88 -3.77 9.80 -4.34
C PRO A 88 -2.70 9.33 -3.36
N ALA A 89 -2.04 8.23 -3.71
CA ALA A 89 -0.80 7.84 -3.07
C ALA A 89 0.28 8.92 -3.27
N THR A 90 1.32 8.86 -2.44
CA THR A 90 2.45 9.79 -2.54
C THR A 90 3.49 9.33 -3.55
N ALA A 91 3.57 8.01 -3.76
CA ALA A 91 4.60 7.41 -4.62
C ALA A 91 4.63 7.96 -6.04
N PRO A 92 3.46 8.12 -6.68
CA PRO A 92 3.54 8.67 -8.06
C PRO A 92 4.23 10.04 -8.11
N ARG A 93 3.87 10.95 -7.20
CA ARG A 93 4.48 12.27 -7.16
CA ARG A 93 4.48 12.27 -7.14
C ARG A 93 5.99 12.17 -6.94
N VAL A 94 6.40 11.31 -6.01
CA VAL A 94 7.81 11.12 -5.72
C VAL A 94 8.54 10.58 -6.97
N ALA A 95 7.97 9.56 -7.62
CA ALA A 95 8.55 9.00 -8.84
C ALA A 95 8.74 10.10 -9.88
N ALA A 96 7.71 10.91 -10.10
CA ALA A 96 7.78 12.00 -11.07
C ALA A 96 8.89 13.00 -10.73
N ARG A 97 9.00 13.35 -9.45
CA ARG A 97 10.02 14.31 -9.00
C ARG A 97 11.44 13.74 -9.02
N LEU A 98 11.57 12.41 -9.13
CA LEU A 98 12.87 11.76 -9.35
C LEU A 98 13.23 11.66 -10.84
N GLY A 99 12.38 12.20 -11.70
CA GLY A 99 12.54 12.08 -13.16
C GLY A 99 12.05 10.75 -13.69
N LEU A 100 11.23 10.05 -12.90
CA LEU A 100 10.79 8.70 -13.24
C LEU A 100 9.29 8.61 -13.54
N VAL A 101 8.75 9.63 -14.18
CA VAL A 101 7.40 9.57 -14.74
C VAL A 101 7.26 8.31 -15.58
N GLY A 102 6.12 7.63 -15.48
CA GLY A 102 5.88 6.39 -16.18
C GLY A 102 6.08 5.15 -15.32
N ALA A 103 6.84 5.28 -14.23
CA ALA A 103 7.12 4.15 -13.36
C ALA A 103 5.86 3.65 -12.66
N LEU A 104 5.82 2.34 -12.46
CA LEU A 104 4.87 1.70 -11.56
C LEU A 104 5.06 2.37 -10.19
N ALA A 105 3.99 2.89 -9.59
CA ALA A 105 4.15 3.60 -8.31
C ALA A 105 2.92 3.46 -7.42
N PHE A 106 3.16 3.08 -6.17
CA PHE A 106 2.08 2.98 -5.17
C PHE A 106 2.61 3.04 -3.75
N ASP A 107 1.71 3.32 -2.80
CA ASP A 107 2.04 3.32 -1.36
C ASP A 107 1.55 2.03 -0.70
N LEU A 108 2.33 1.53 0.26
CA LEU A 108 2.01 0.31 1.00
C LEU A 108 1.84 0.67 2.47
N SER A 109 0.76 0.21 3.09
CA SER A 109 0.47 0.51 4.49
C SER A 109 0.64 -0.73 5.35
N ALA A 110 1.69 -0.75 6.16
CA ALA A 110 1.89 -1.79 7.17
C ALA A 110 2.62 -1.22 8.39
N ALA A 111 2.38 0.06 8.68
CA ALA A 111 2.86 0.68 9.90
C ALA A 111 4.37 0.49 10.08
N ALA A 112 4.79 0.07 11.27
CA ALA A 112 6.21 -0.07 11.58
C ALA A 112 6.84 -1.31 10.89
N THR A 113 6.01 -2.17 10.31
CA THR A 113 6.47 -3.30 9.49
C THR A 113 6.48 -2.97 7.98
N GLY A 114 6.25 -1.70 7.64
CA GLY A 114 6.14 -1.29 6.25
C GLY A 114 7.34 -1.57 5.37
N PHE A 115 8.55 -1.42 5.90
CA PHE A 115 9.75 -1.64 5.11
C PHE A 115 9.94 -3.13 4.78
N VAL A 116 9.66 -4.01 5.75
CA VAL A 116 9.73 -5.46 5.53
C VAL A 116 8.68 -5.94 4.51
N TYR A 117 7.43 -5.51 4.70
CA TYR A 117 6.35 -5.79 3.74
C TYR A 117 6.66 -5.20 2.38
N GLY A 118 7.22 -3.99 2.40
CA GLY A 118 7.68 -3.31 1.18
C GLY A 118 8.69 -4.13 0.41
N LEU A 119 9.66 -4.72 1.10
CA LEU A 119 10.66 -5.58 0.46
C LEU A 119 10.04 -6.83 -0.16
N ALA A 120 9.09 -7.43 0.56
CA ALA A 120 8.33 -8.56 0.04
C ALA A 120 7.59 -8.18 -1.25
N SER A 121 6.92 -7.03 -1.22
CA SER A 121 6.09 -6.60 -2.35
C SER A 121 6.95 -6.23 -3.57
N VAL A 122 7.94 -5.37 -3.36
CA VAL A 122 8.81 -4.95 -4.46
C VAL A 122 9.69 -6.10 -4.94
N GLY A 123 10.29 -6.84 -3.99
CA GLY A 123 11.05 -8.03 -4.33
C GLY A 123 10.26 -9.03 -5.16
N SER A 124 9.00 -9.25 -4.80
CA SER A 124 8.15 -10.19 -5.54
C SER A 124 7.83 -9.66 -6.94
N LEU A 125 7.59 -8.35 -7.06
CA LEU A 125 7.34 -7.73 -8.36
C LEU A 125 8.51 -7.97 -9.30
N ILE A 126 9.72 -7.85 -8.76
CA ILE A 126 10.93 -8.08 -9.56
C ILE A 126 11.07 -9.57 -9.90
N SER A 127 10.91 -10.43 -8.90
CA SER A 127 11.02 -11.89 -9.12
C SER A 127 10.02 -12.39 -10.16
N ALA A 128 8.79 -11.86 -10.11
CA ALA A 128 7.73 -12.25 -11.03
C ALA A 128 7.86 -11.66 -12.44
N GLY A 129 8.84 -10.78 -12.63
CA GLY A 129 9.12 -10.18 -13.94
C GLY A 129 8.28 -8.95 -14.29
N LEU A 130 7.64 -8.34 -13.29
CA LEU A 130 6.83 -7.13 -13.54
C LEU A 130 7.66 -5.86 -13.46
N ALA A 131 8.89 -6.00 -12.95
CA ALA A 131 9.87 -4.92 -12.91
C ALA A 131 11.26 -5.56 -12.89
N ASP A 132 12.25 -4.88 -13.46
CA ASP A 132 13.64 -5.34 -13.42
C ASP A 132 14.47 -4.56 -12.40
N SER A 133 13.90 -3.48 -11.87
CA SER A 133 14.52 -2.69 -10.82
C SER A 133 13.47 -1.85 -10.11
N ALA A 134 13.76 -1.44 -8.88
CA ALA A 134 12.78 -0.72 -8.07
C ALA A 134 13.43 0.07 -6.97
N LEU A 135 12.79 1.18 -6.63
CA LEU A 135 13.04 1.90 -5.40
C LEU A 135 11.97 1.50 -4.38
N LEU A 136 12.42 1.17 -3.17
CA LEU A 136 11.53 1.06 -2.01
C LEU A 136 11.95 2.13 -1.02
N VAL A 137 11.02 3.00 -0.63
CA VAL A 137 11.29 4.03 0.37
C VAL A 137 10.42 3.78 1.59
N GLY A 138 11.07 3.54 2.73
CA GLY A 138 10.40 3.57 4.03
C GLY A 138 10.42 4.99 4.53
N VAL A 139 9.25 5.59 4.68
CA VAL A 139 9.15 7.00 5.09
C VAL A 139 7.94 7.21 5.98
N ASP A 140 8.13 7.96 7.06
CA ASP A 140 7.03 8.38 7.90
C ASP A 140 7.34 9.70 8.57
N THR A 141 6.29 10.52 8.73
CA THR A 141 6.38 11.80 9.42
C THR A 141 5.36 11.81 10.57
N PHE A 142 5.53 10.85 11.47
CA PHE A 142 4.64 10.70 12.62
C PHE A 142 4.50 11.93 13.50
N SER A 143 5.53 12.78 13.55
CA SER A 143 5.44 14.01 14.36
C SER A 143 4.22 14.86 14.00
N HIS A 144 3.80 14.84 12.74
CA HIS A 144 2.59 15.57 12.33
C HIS A 144 1.34 15.03 12.99
N THR A 145 1.40 13.79 13.46
CA THR A 145 0.23 13.06 13.95
C THR A 145 0.19 12.92 15.47
N LEU A 146 1.17 13.48 16.17
CA LEU A 146 1.25 13.33 17.62
C LEU A 146 0.42 14.39 18.33
N ASP A 147 -0.15 14.01 19.46
CA ASP A 147 -0.80 14.95 20.35
C ASP A 147 0.28 15.87 20.91
N PRO A 148 0.16 17.19 20.70
CA PRO A 148 1.15 18.15 21.23
C PRO A 148 1.39 18.02 22.73
N ALA A 149 0.39 17.58 23.48
CA ALA A 149 0.46 17.51 24.94
C ALA A 149 0.95 16.16 25.47
N ASP A 150 1.20 15.20 24.57
CA ASP A 150 1.56 13.84 24.97
C ASP A 150 3.08 13.64 25.03
N ARG A 151 3.62 13.59 26.24
CA ARG A 151 5.07 13.49 26.42
C ARG A 151 5.64 12.13 26.02
N SER A 152 4.87 11.05 26.21
CA SER A 152 5.35 9.69 25.91
C SER A 152 5.62 9.47 24.42
N THR A 153 4.66 9.82 23.57
CA THR A 153 4.84 9.63 22.13
C THR A 153 5.80 10.66 21.53
N ARG A 154 5.72 11.91 21.98
CA ARG A 154 6.64 12.93 21.49
C ARG A 154 8.11 12.67 21.88
N ALA A 155 8.30 12.00 23.02
CA ALA A 155 9.65 11.60 23.44
C ALA A 155 10.22 10.48 22.55
N LEU A 156 9.35 9.67 21.95
CA LEU A 156 9.78 8.47 21.23
C LEU A 156 9.92 8.68 19.72
N PHE A 157 8.93 9.33 19.12
CA PHE A 157 8.79 9.34 17.66
C PHE A 157 9.52 10.48 16.94
N GLY A 158 10.14 10.13 15.83
CA GLY A 158 10.79 11.11 14.94
C GLY A 158 10.40 10.84 13.51
N ASP A 159 10.90 11.69 12.61
CA ASP A 159 10.57 11.66 11.19
C ASP A 159 11.79 11.32 10.34
N GLY A 160 11.55 10.79 9.15
CA GLY A 160 12.67 10.49 8.25
C GLY A 160 12.26 9.59 7.12
N ALA A 161 13.23 9.35 6.23
CA ALA A 161 13.06 8.47 5.08
C ALA A 161 14.35 7.70 4.84
N GLY A 162 14.20 6.41 4.52
CA GLY A 162 15.30 5.58 4.07
C GLY A 162 14.86 4.79 2.85
N ALA A 163 15.77 4.65 1.88
CA ALA A 163 15.45 4.02 0.61
C ALA A 163 16.51 3.02 0.18
N VAL A 164 16.04 1.96 -0.47
CA VAL A 164 16.92 1.01 -1.14
C VAL A 164 16.52 0.85 -2.60
N VAL A 165 17.52 0.52 -3.42
CA VAL A 165 17.30 0.11 -4.81
C VAL A 165 17.45 -1.41 -4.86
N LEU A 166 16.48 -2.06 -5.52
CA LEU A 166 16.53 -3.50 -5.77
C LEU A 166 16.63 -3.72 -7.27
N ARG A 167 17.37 -4.75 -7.67
CA ARG A 167 17.46 -5.13 -9.08
C ARG A 167 17.25 -6.63 -9.24
N ALA A 168 16.85 -7.05 -10.43
CA ALA A 168 16.83 -8.46 -10.78
C ALA A 168 18.25 -9.02 -10.68
N GLY A 169 18.37 -10.22 -10.14
CA GLY A 169 19.65 -10.90 -10.02
C GLY A 169 19.50 -12.38 -9.77
N ASP A 170 20.57 -13.00 -9.29
CA ASP A 170 20.58 -14.42 -8.96
CA ASP A 170 20.61 -14.42 -8.97
C ASP A 170 20.52 -14.59 -7.45
N ALA A 171 19.91 -15.69 -7.01
CA ALA A 171 19.76 -15.96 -5.58
C ALA A 171 21.09 -16.15 -4.85
N GLU A 172 22.17 -16.47 -5.58
CA GLU A 172 23.50 -16.63 -4.96
C GLU A 172 24.30 -15.32 -4.81
N GLU A 173 23.79 -14.21 -5.35
CA GLU A 173 24.44 -12.91 -5.21
C GLU A 173 24.25 -12.34 -3.81
N GLU A 174 25.32 -11.74 -3.26
CA GLU A 174 25.17 -10.96 -2.05
C GLU A 174 24.07 -9.94 -2.29
N GLY A 175 23.18 -9.79 -1.31
CA GLY A 175 22.11 -8.79 -1.36
C GLY A 175 20.78 -9.34 -1.82
N ALA A 176 20.77 -10.57 -2.32
CA ALA A 176 19.52 -11.24 -2.68
C ALA A 176 18.69 -11.49 -1.42
N LEU A 177 17.40 -11.20 -1.52
CA LEU A 177 16.49 -11.44 -0.42
C LEU A 177 16.23 -12.95 -0.36
N LEU A 178 16.62 -13.58 0.75
CA LEU A 178 16.70 -15.05 0.84
C LEU A 178 15.46 -15.78 1.35
N ALA A 179 14.80 -15.22 2.35
CA ALA A 179 13.64 -15.83 2.98
C ALA A 179 12.85 -14.75 3.68
N PHE A 180 11.53 -14.90 3.71
CA PHE A 180 10.64 -13.97 4.41
C PHE A 180 9.81 -14.67 5.47
N ASP A 181 9.47 -13.91 6.51
CA ASP A 181 8.41 -14.24 7.43
C ASP A 181 7.49 -13.03 7.45
N LEU A 182 6.20 -13.23 7.23
CA LEU A 182 5.24 -12.12 7.20
C LEU A 182 3.91 -12.54 7.83
N GLY A 183 3.38 -11.69 8.70
CA GLY A 183 2.12 -11.98 9.37
C GLY A 183 1.39 -10.76 9.88
N SER A 184 0.26 -11.03 10.51
CA SER A 184 -0.58 -9.99 11.08
C SER A 184 -1.49 -10.58 12.14
N ASP A 185 -1.94 -9.73 13.06
CA ASP A 185 -2.98 -10.10 14.02
C ASP A 185 -3.95 -8.94 14.14
N GLY A 186 -4.96 -8.95 13.26
CA GLY A 186 -6.00 -7.94 13.28
C GLY A 186 -6.92 -7.99 14.48
N HIS A 187 -6.83 -9.03 15.30
CA HIS A 187 -7.65 -9.11 16.51
C HIS A 187 -7.20 -8.04 17.52
N GLN A 188 -5.93 -7.66 17.45
CA GLN A 188 -5.37 -6.60 18.31
C GLN A 188 -5.16 -5.28 17.56
N PHE A 189 -5.99 -5.02 16.56
CA PHE A 189 -5.85 -3.82 15.71
C PHE A 189 -5.89 -2.49 16.48
N ASP A 190 -6.47 -2.51 17.68
CA ASP A 190 -6.71 -1.27 18.45
CA ASP A 190 -6.70 -1.27 18.43
C ASP A 190 -5.53 -0.83 19.32
N LEU A 191 -4.47 -1.64 19.40
CA LEU A 191 -3.35 -1.33 20.32
C LEU A 191 -2.52 -0.09 19.94
N LEU A 192 -2.26 0.07 18.65
CA LEU A 192 -1.54 1.21 18.09
C LEU A 192 -2.40 1.79 16.98
N MET A 193 -2.77 3.06 17.10
CA MET A 193 -3.70 3.64 16.13
C MET A 193 -3.61 5.15 15.93
N THR A 194 -3.71 5.57 14.69
CA THR A 194 -4.01 6.95 14.32
C THR A 194 -5.34 6.91 13.59
N PRO A 195 -6.41 7.42 14.23
CA PRO A 195 -7.72 7.34 13.58
C PRO A 195 -7.80 8.14 12.28
N ALA A 196 -8.74 7.76 11.43
CA ALA A 196 -9.06 8.55 10.24
C ALA A 196 -9.82 9.80 10.66
N VAL A 197 -9.72 10.84 9.84
CA VAL A 197 -10.47 12.08 10.07
C VAL A 197 -11.97 11.82 9.94
N SER A 198 -12.77 12.41 10.83
CA SER A 198 -14.22 12.35 10.74
C SER A 198 -14.73 13.32 9.69
N ARG A 199 -15.95 13.09 9.21
CA ARG A 199 -16.54 13.96 8.19
C ARG A 199 -16.71 15.38 8.71
N ALA A 200 -17.03 15.51 9.99
CA ALA A 200 -17.10 16.81 10.66
C ALA A 200 -15.76 17.53 10.65
N GLU A 201 -14.67 16.80 10.93
CA GLU A 201 -13.32 17.37 10.88
C GLU A 201 -12.92 17.78 9.47
N ARG A 202 -13.32 16.99 8.48
CA ARG A 202 -13.01 17.30 7.08
C ARG A 202 -13.72 18.58 6.66
N SER A 203 -14.95 18.76 7.15
CA SER A 203 -15.74 19.96 6.88
C SER A 203 -15.13 21.20 7.54
N SER A 204 -14.64 21.04 8.77
CA SER A 204 -14.06 22.15 9.53
C SER A 204 -12.70 22.57 8.98
N GLY A 205 -11.99 21.63 8.35
CA GLY A 205 -10.61 21.86 7.93
C GLY A 205 -9.65 21.75 9.10
N GLN A 206 -10.11 21.10 10.18
CA GLN A 206 -9.30 20.88 11.37
C GLN A 206 -9.59 19.48 11.89
N ALA A 207 -8.53 18.71 12.10
CA ALA A 207 -8.64 17.39 12.67
C ALA A 207 -7.85 17.29 13.98
N SER A 208 -8.32 16.44 14.89
CA SER A 208 -7.60 16.12 16.12
C SER A 208 -7.37 14.61 16.20
N ASN A 209 -7.10 13.99 15.05
CA ASN A 209 -6.88 12.54 14.98
C ASN A 209 -5.42 12.22 15.28
N TYR A 210 -5.13 12.00 16.57
CA TYR A 210 -3.76 11.81 17.04
C TYR A 210 -3.40 10.34 17.20
N PHE A 211 -2.12 10.03 17.02
CA PHE A 211 -1.63 8.69 17.25
C PHE A 211 -1.73 8.35 18.74
N ARG A 212 -2.22 7.15 19.04
CA ARG A 212 -2.22 6.63 20.40
C ARG A 212 -1.65 5.22 20.44
N MET A 213 -1.01 4.89 21.55
CA MET A 213 -0.50 3.55 21.76
C MET A 213 -0.61 3.12 23.21
N ASP A 214 -0.91 1.84 23.40
CA ASP A 214 -0.87 1.19 24.69
C ASP A 214 0.56 0.71 24.93
N GLY A 215 1.39 1.59 25.51
CA GLY A 215 2.82 1.35 25.66
C GLY A 215 3.18 0.05 26.36
N LYS A 216 2.59 -0.19 27.52
CA LYS A 216 2.84 -1.41 28.29
C LYS A 216 2.52 -2.65 27.46
N ALA A 217 1.31 -2.69 26.89
CA ALA A 217 0.85 -3.82 26.09
C ALA A 217 1.67 -4.03 24.81
N VAL A 218 2.24 -2.95 24.29
CA VAL A 218 3.05 -3.02 23.07
C VAL A 218 4.48 -3.53 23.37
N PHE A 219 5.05 -3.13 24.50
CA PHE A 219 6.45 -3.49 24.83
C PHE A 219 6.71 -4.99 24.77
N GLY A 220 6.08 -5.72 25.70
CA GLY A 220 6.33 -7.15 25.87
C GLY A 220 6.10 -7.92 24.59
N GLN A 221 5.00 -7.56 23.91
CA GLN A 221 4.63 -8.26 22.68
C GLN A 221 5.62 -7.95 21.56
N ALA A 222 6.03 -6.70 21.42
CA ALA A 222 6.99 -6.31 20.40
C ALA A 222 8.28 -7.14 20.48
N VAL A 223 8.80 -7.35 21.70
CA VAL A 223 10.02 -8.13 21.88
C VAL A 223 9.87 -9.55 21.37
N THR A 224 8.82 -10.22 21.82
CA THR A 224 8.54 -11.61 21.44
C THR A 224 8.22 -11.73 19.94
N GLN A 225 7.43 -10.80 19.43
CA GLN A 225 7.00 -10.82 18.03
C GLN A 225 8.19 -10.77 17.08
N MET A 226 9.12 -9.84 17.34
CA MET A 226 10.28 -9.72 16.48
CA MET A 226 10.30 -9.69 16.51
C MET A 226 11.26 -10.87 16.70
N SER A 227 11.50 -11.27 17.95
CA SER A 227 12.40 -12.38 18.28
CA SER A 227 12.43 -12.36 18.23
C SER A 227 11.94 -13.68 17.61
N ASP A 228 10.66 -13.99 17.75
CA ASP A 228 10.11 -15.22 17.17
C ASP A 228 10.14 -15.17 15.64
N SER A 229 9.86 -14.00 15.06
CA SER A 229 9.88 -13.84 13.60
C SER A 229 11.30 -14.05 13.06
N VAL A 230 12.29 -13.48 13.75
CA VAL A 230 13.69 -13.71 13.39
C VAL A 230 13.99 -15.21 13.44
N ARG A 231 13.60 -15.87 14.53
CA ARG A 231 13.87 -17.31 14.66
C ARG A 231 13.30 -18.11 13.49
N ARG A 232 12.08 -17.78 13.07
CA ARG A 232 11.46 -18.48 11.94
C ARG A 232 12.25 -18.33 10.66
N VAL A 233 12.74 -17.12 10.38
CA VAL A 233 13.50 -16.89 9.16
C VAL A 233 14.92 -17.52 9.27
N LEU A 234 15.50 -17.53 10.47
CA LEU A 234 16.78 -18.23 10.72
C LEU A 234 16.64 -19.72 10.39
N ASP A 235 15.59 -20.33 10.93
CA ASP A 235 15.27 -21.74 10.66
C ASP A 235 15.04 -21.99 9.17
N ARG A 236 14.40 -21.04 8.50
CA ARG A 236 14.13 -21.18 7.07
C ARG A 236 15.41 -21.13 6.19
N VAL A 237 16.35 -20.27 6.55
CA VAL A 237 17.56 -20.11 5.75
CA VAL A 237 17.59 -20.07 5.78
C VAL A 237 18.70 -21.00 6.26
N GLY A 238 18.49 -21.65 7.40
CA GLY A 238 19.45 -22.60 7.95
C GLY A 238 20.61 -21.93 8.68
N TRP A 239 20.33 -20.83 9.35
CA TRP A 239 21.31 -20.15 10.20
C TRP A 239 20.95 -20.37 11.66
N GLN A 240 21.97 -20.49 12.51
CA GLN A 240 21.79 -20.39 13.94
C GLN A 240 21.86 -18.92 14.31
N ALA A 241 21.40 -18.56 15.50
CA ALA A 241 21.50 -17.17 15.95
C ALA A 241 22.95 -16.69 15.92
N SER A 242 23.88 -17.54 16.32
CA SER A 242 25.31 -17.21 16.31
C SER A 242 25.88 -16.92 14.90
N ASP A 243 25.21 -17.38 13.85
CA ASP A 243 25.64 -17.14 12.47
C ASP A 243 25.29 -15.73 11.99
N LEU A 244 24.38 -15.06 12.69
CA LEU A 244 23.97 -13.70 12.33
C LEU A 244 25.08 -12.69 12.64
N HIS A 245 25.47 -11.91 11.65
CA HIS A 245 26.40 -10.80 11.86
C HIS A 245 25.64 -9.53 12.23
N HIS A 246 24.49 -9.32 11.60
CA HIS A 246 23.73 -8.08 11.74
C HIS A 246 22.23 -8.31 11.90
N LEU A 247 21.69 -7.82 13.00
CA LEU A 247 20.26 -7.77 13.21
C LEU A 247 19.83 -6.31 13.16
N VAL A 248 18.93 -5.99 12.25
CA VAL A 248 18.44 -4.63 12.06
C VAL A 248 16.93 -4.59 12.31
N PRO A 249 16.53 -4.38 13.57
CA PRO A 249 15.12 -4.33 13.90
C PRO A 249 14.50 -2.94 13.70
N HIS A 250 13.18 -2.92 13.57
CA HIS A 250 12.45 -1.69 13.72
C HIS A 250 12.83 -1.09 15.07
N GLN A 251 13.19 0.19 15.05
CA GLN A 251 13.71 0.87 16.23
C GLN A 251 12.54 1.31 17.13
N ALA A 252 11.91 0.34 17.77
CA ALA A 252 10.65 0.57 18.49
C ALA A 252 10.86 1.39 19.76
N ASN A 253 11.87 0.99 20.52
CA ASN A 253 12.29 1.71 21.72
CA ASN A 253 12.36 1.80 21.65
C ASN A 253 13.71 1.25 22.10
N THR A 254 14.35 1.92 23.04
CA THR A 254 15.70 1.51 23.43
C THR A 254 15.75 0.11 24.04
N ARG A 255 14.88 -0.14 25.02
CA ARG A 255 14.90 -1.44 25.71
C ARG A 255 14.55 -2.62 24.80
N ILE A 256 13.66 -2.39 23.83
CA ILE A 256 13.18 -3.48 22.96
C ILE A 256 14.31 -4.10 22.13
N LEU A 257 15.25 -3.28 21.69
CA LEU A 257 16.30 -3.75 20.80
C LEU A 257 17.22 -4.77 21.49
N ALA A 258 17.73 -4.42 22.66
CA ALA A 258 18.54 -5.35 23.46
C ALA A 258 17.74 -6.57 23.94
N ALA A 259 16.46 -6.37 24.25
CA ALA A 259 15.58 -7.46 24.68
C ALA A 259 15.35 -8.48 23.57
N VAL A 260 15.31 -8.03 22.32
CA VAL A 260 15.22 -8.96 21.19
C VAL A 260 16.49 -9.83 21.11
N ALA A 261 17.66 -9.21 21.20
CA ALA A 261 18.93 -9.95 21.24
C ALA A 261 18.95 -10.98 22.37
N ASP A 262 18.55 -10.55 23.56
CA ASP A 262 18.45 -11.42 24.74
C ASP A 262 17.66 -12.69 24.43
N GLN A 263 16.48 -12.54 23.83
CA GLN A 263 15.64 -13.71 23.51
C GLN A 263 16.33 -14.69 22.57
N LEU A 264 17.13 -14.15 21.65
CA LEU A 264 17.85 -14.96 20.66
C LEU A 264 19.22 -15.43 21.14
N ASP A 265 19.60 -15.05 22.37
CA ASP A 265 20.96 -15.31 22.86
CA ASP A 265 20.96 -15.30 22.87
C ASP A 265 22.00 -14.79 21.86
N LEU A 266 21.72 -13.61 21.31
CA LEU A 266 22.58 -12.94 20.34
C LEU A 266 23.28 -11.78 21.04
N PRO A 267 24.58 -11.58 20.77
CA PRO A 267 25.26 -10.42 21.36
C PRO A 267 24.59 -9.11 20.96
N VAL A 268 24.30 -8.26 21.95
CA VAL A 268 23.59 -7.00 21.71
C VAL A 268 24.34 -6.09 20.73
N GLU A 269 25.67 -6.14 20.73
CA GLU A 269 26.50 -5.34 19.83
C GLU A 269 26.20 -5.61 18.35
N ARG A 270 25.64 -6.78 18.05
CA ARG A 270 25.26 -7.13 16.67
C ARG A 270 23.95 -6.49 16.23
N VAL A 271 23.20 -5.90 17.16
CA VAL A 271 21.98 -5.18 16.80
C VAL A 271 22.37 -3.78 16.32
N VAL A 272 21.97 -3.45 15.09
CA VAL A 272 22.25 -2.14 14.51
C VAL A 272 21.20 -1.17 15.02
N SER A 273 21.65 -0.09 15.68
CA SER A 273 20.74 0.84 16.33
C SER A 273 21.22 2.30 16.32
N ASN A 274 20.33 3.19 15.89
CA ASN A 274 20.54 4.63 16.00
C ASN A 274 19.37 5.35 16.64
N ILE A 275 18.56 4.62 17.40
CA ILE A 275 17.33 5.17 17.99
C ILE A 275 17.61 6.37 18.91
N ALA A 276 18.78 6.40 19.52
CA ALA A 276 19.18 7.54 20.35
C ALA A 276 19.27 8.87 19.57
N GLU A 277 19.66 8.78 18.30
CA GLU A 277 19.92 9.97 17.48
CA GLU A 277 19.93 9.96 17.46
C GLU A 277 18.73 10.38 16.61
N VAL A 278 17.87 9.43 16.26
CA VAL A 278 16.75 9.70 15.35
C VAL A 278 15.37 9.36 15.91
N GLY A 279 15.32 8.68 17.05
CA GLY A 279 14.05 8.21 17.59
C GLY A 279 13.43 7.12 16.76
N ASN A 280 12.13 6.91 16.97
CA ASN A 280 11.36 5.88 16.28
C ASN A 280 10.71 6.52 15.06
N THR A 281 11.19 6.15 13.87
CA THR A 281 10.73 6.74 12.62
C THR A 281 9.81 5.80 11.82
N VAL A 282 9.27 4.77 12.49
CA VAL A 282 8.25 3.88 11.90
C VAL A 282 8.78 3.22 10.61
N ALA A 283 8.16 3.40 9.45
CA ALA A 283 8.58 2.68 8.25
C ALA A 283 10.03 2.99 7.84
N ALA A 284 10.52 4.17 8.20
CA ALA A 284 11.90 4.57 7.90
C ALA A 284 12.98 3.94 8.81
N SER A 285 12.57 3.28 9.89
CA SER A 285 13.51 2.94 10.98
C SER A 285 14.61 1.97 10.53
N ILE A 286 14.23 0.93 9.82
CA ILE A 286 15.19 -0.07 9.34
C ILE A 286 16.18 0.52 8.33
N PRO A 287 15.70 1.20 7.27
CA PRO A 287 16.72 1.74 6.36
C PRO A 287 17.55 2.90 6.95
N LEU A 288 16.99 3.66 7.88
CA LEU A 288 17.80 4.67 8.57
C LEU A 288 18.88 4.00 9.43
N ALA A 289 18.52 2.89 10.09
CA ALA A 289 19.50 2.13 10.87
C ALA A 289 20.59 1.54 9.96
N LEU A 290 20.20 1.01 8.81
CA LEU A 290 21.15 0.56 7.80
C LEU A 290 22.12 1.68 7.39
N ALA A 291 21.60 2.89 7.12
CA ALA A 291 22.44 4.02 6.73
C ALA A 291 23.45 4.35 7.84
N HIS A 292 23.00 4.28 9.08
CA HIS A 292 23.87 4.49 10.24
C HIS A 292 24.99 3.45 10.27
N GLY A 293 24.63 2.18 10.11
CA GLY A 293 25.62 1.10 10.07
C GLY A 293 26.65 1.28 8.97
N LEU A 294 26.19 1.69 7.79
CA LEU A 294 27.08 1.92 6.66
C LEU A 294 28.03 3.10 6.93
N ARG A 295 27.49 4.21 7.47
CA ARG A 295 28.29 5.36 7.86
C ARG A 295 29.40 4.99 8.85
N GLN A 296 29.05 4.14 9.81
CA GLN A 296 29.98 3.70 10.85
C GLN A 296 30.92 2.57 10.42
N GLY A 297 30.74 2.04 9.20
CA GLY A 297 31.52 0.90 8.74
C GLY A 297 31.23 -0.38 9.50
N ILE A 298 30.05 -0.46 10.11
CA ILE A 298 29.64 -1.61 10.91
C ILE A 298 29.29 -2.81 10.03
N LEU A 299 28.73 -2.53 8.86
CA LEU A 299 28.16 -3.57 8.00
C LEU A 299 29.23 -4.27 7.19
N ARG A 300 29.27 -5.60 7.30
CA ARG A 300 30.28 -6.43 6.65
C ARG A 300 29.83 -6.84 5.26
N ASP A 301 30.74 -6.75 4.28
CA ASP A 301 30.50 -7.30 2.96
C ASP A 301 30.16 -8.80 3.09
N GLY A 302 28.97 -9.19 2.65
CA GLY A 302 28.55 -10.59 2.70
C GLY A 302 28.12 -11.10 4.08
N GLY A 303 28.02 -10.21 5.05
CA GLY A 303 27.61 -10.58 6.40
C GLY A 303 26.17 -11.07 6.43
N ASN A 304 25.92 -12.11 7.22
CA ASN A 304 24.57 -12.62 7.41
C ASN A 304 23.71 -11.59 8.16
N MET A 305 22.59 -11.22 7.56
CA MET A 305 21.74 -10.15 8.09
C MET A 305 20.27 -10.54 8.10
N VAL A 306 19.57 -10.10 9.16
CA VAL A 306 18.12 -10.16 9.21
C VAL A 306 17.56 -8.78 9.56
N LEU A 307 16.56 -8.36 8.79
CA LEU A 307 15.78 -7.18 9.05
C LEU A 307 14.48 -7.65 9.65
N THR A 308 13.99 -6.99 10.68
CA THR A 308 12.77 -7.43 11.33
C THR A 308 11.93 -6.26 11.83
N GLY A 309 10.61 -6.39 11.71
CA GLY A 309 9.67 -5.38 12.15
C GLY A 309 8.47 -5.93 12.87
N PHE A 310 7.86 -5.10 13.73
CA PHE A 310 6.57 -5.36 14.35
C PHE A 310 5.89 -4.02 14.54
N GLY A 311 4.59 -3.94 14.31
CA GLY A 311 3.88 -2.68 14.49
C GLY A 311 2.38 -2.76 14.37
N ALA A 312 1.76 -1.60 14.16
CA ALA A 312 0.32 -1.47 14.10
C ALA A 312 -0.28 -2.41 13.06
N GLY A 313 -1.50 -2.87 13.36
CA GLY A 313 -2.21 -3.82 12.50
C GLY A 313 -2.99 -4.86 13.28
N LEU A 314 -2.33 -5.67 14.12
CA LEU A 314 -0.87 -5.72 14.27
C LEU A 314 -0.25 -6.38 13.05
N THR A 315 1.03 -6.06 12.81
CA THR A 315 1.82 -6.64 11.74
C THR A 315 3.21 -7.01 12.26
N TRP A 316 3.84 -7.96 11.57
CA TRP A 316 5.23 -8.30 11.85
C TRP A 316 5.83 -8.98 10.63
N GLY A 317 7.15 -9.08 10.62
CA GLY A 317 7.84 -9.86 9.61
C GLY A 317 9.34 -9.70 9.65
N SER A 318 10.04 -10.61 9.00
CA SER A 318 11.48 -10.52 8.88
C SER A 318 11.93 -10.98 7.50
N VAL A 319 13.14 -10.57 7.13
CA VAL A 319 13.77 -10.94 5.85
CA VAL A 319 13.75 -10.99 5.88
C VAL A 319 15.24 -11.24 6.12
N ALA A 320 15.74 -12.31 5.54
CA ALA A 320 17.17 -12.66 5.63
C ALA A 320 17.85 -12.31 4.31
N LEU A 321 19.07 -11.79 4.40
CA LEU A 321 19.91 -11.56 3.23
C LEU A 321 21.37 -11.51 3.67
N ARG A 322 22.29 -11.70 2.72
CA ARG A 322 23.70 -11.39 2.98
C ARG A 322 23.93 -9.97 2.47
N TRP A 323 24.60 -9.15 3.28
CA TRP A 323 24.72 -7.73 2.98
C TRP A 323 25.70 -7.53 1.82
N PRO A 324 25.29 -6.78 0.78
CA PRO A 324 26.14 -6.58 -0.37
C PRO A 324 27.08 -5.40 -0.19
N LYS A 325 27.99 -5.23 -1.14
CA LYS A 325 28.91 -4.09 -1.15
C LYS A 325 28.15 -2.85 -1.64
N ILE A 326 27.84 -1.95 -0.72
CA ILE A 326 27.08 -0.73 -1.06
C ILE A 326 27.98 0.48 -0.92
N VAL A 327 27.92 1.37 -1.91
CA VAL A 327 28.69 2.61 -1.89
C VAL A 327 28.06 3.57 -0.88
N PRO A 328 28.85 4.03 0.10
CA PRO A 328 28.37 4.99 1.10
C PRO A 328 28.05 6.37 0.50
N ARG B 4 5.48 -20.09 -12.30
CA ARG B 4 4.32 -20.17 -11.36
C ARG B 4 3.41 -18.97 -11.52
N ALA B 5 2.16 -19.23 -11.90
CA ALA B 5 1.20 -18.17 -12.17
C ALA B 5 0.29 -17.94 -10.98
N ALA B 6 -0.41 -16.80 -11.01
CA ALA B 6 -1.49 -16.50 -10.08
C ALA B 6 -2.78 -16.64 -10.89
N VAL B 7 -3.74 -17.39 -10.35
CA VAL B 7 -4.95 -17.78 -11.08
C VAL B 7 -6.18 -17.33 -10.30
N VAL B 8 -7.05 -16.57 -10.97
CA VAL B 8 -8.33 -16.16 -10.39
C VAL B 8 -9.23 -17.38 -10.19
N CYS B 9 -9.73 -17.59 -8.98
CA CYS B 9 -10.58 -18.74 -8.69
C CYS B 9 -11.80 -18.44 -7.81
N GLY B 10 -12.08 -17.16 -7.61
CA GLY B 10 -13.28 -16.76 -6.86
C GLY B 10 -13.57 -15.30 -7.09
N LEU B 11 -14.84 -14.94 -7.00
CA LEU B 11 -15.29 -13.55 -7.12
C LEU B 11 -16.40 -13.30 -6.10
N GLY B 12 -16.37 -12.13 -5.46
CA GLY B 12 -17.42 -11.75 -4.52
C GLY B 12 -17.49 -10.25 -4.42
N SER B 13 -18.62 -9.75 -3.90
CA SER B 13 -18.82 -8.31 -3.77
C SER B 13 -19.84 -7.98 -2.70
N TYR B 14 -19.82 -6.72 -2.25
CA TYR B 14 -20.83 -6.23 -1.35
C TYR B 14 -21.06 -4.75 -1.58
N LEU B 15 -22.34 -4.38 -1.77
CA LEU B 15 -22.76 -2.99 -1.84
C LEU B 15 -23.55 -2.66 -0.58
N PRO B 16 -23.31 -1.46 0.01
CA PRO B 16 -24.15 -1.09 1.14
C PRO B 16 -25.62 -0.99 0.77
N GLU B 17 -26.47 -1.25 1.74
CA GLU B 17 -27.92 -1.29 1.56
C GLU B 17 -28.47 0.03 1.03
N ALA B 18 -28.02 1.14 1.62
CA ALA B 18 -28.57 2.46 1.32
C ALA B 18 -28.28 2.89 -0.13
N VAL B 19 -29.31 3.39 -0.81
CA VAL B 19 -29.19 3.85 -2.19
C VAL B 19 -29.57 5.34 -2.31
N LEU B 20 -28.69 6.13 -2.89
CA LEU B 20 -28.98 7.52 -3.24
C LEU B 20 -29.37 7.55 -4.71
N SER B 21 -30.65 7.79 -4.99
CA SER B 21 -31.16 7.86 -6.35
C SER B 21 -30.89 9.24 -6.95
N ASN B 22 -30.92 9.34 -8.27
CA ASN B 22 -30.83 10.64 -8.94
C ASN B 22 -31.91 11.61 -8.46
N ASP B 23 -33.11 11.09 -8.25
CA ASP B 23 -34.25 11.90 -7.78
C ASP B 23 -34.00 12.51 -6.40
N MET B 24 -33.38 11.74 -5.50
CA MET B 24 -33.02 12.23 -4.18
CA MET B 24 -33.00 12.22 -4.17
C MET B 24 -31.97 13.33 -4.28
N LEU B 25 -30.90 13.06 -5.02
CA LEU B 25 -29.82 14.02 -5.21
C LEU B 25 -30.30 15.29 -5.93
N ALA B 26 -31.14 15.11 -6.95
CA ALA B 26 -31.78 16.24 -7.64
C ALA B 26 -32.55 17.11 -6.66
N ALA B 27 -33.24 16.47 -5.70
CA ALA B 27 -34.02 17.19 -4.70
C ALA B 27 -33.14 17.97 -3.72
N GLU B 28 -32.02 17.38 -3.32
CA GLU B 28 -31.13 17.96 -2.33
C GLU B 28 -30.32 19.15 -2.88
N LEU B 29 -29.78 19.00 -4.09
CA LEU B 29 -28.89 20.00 -4.67
C LEU B 29 -29.53 20.81 -5.80
N ASP B 30 -30.84 20.66 -5.96
CA ASP B 30 -31.60 21.40 -6.97
C ASP B 30 -31.04 21.24 -8.39
N THR B 31 -30.84 19.99 -8.80
CA THR B 31 -30.47 19.69 -10.18
C THR B 31 -31.50 18.72 -10.78
N SER B 32 -31.10 17.91 -11.77
CA SER B 32 -32.04 17.03 -12.47
C SER B 32 -31.46 15.66 -12.80
N ASP B 33 -32.35 14.68 -12.96
CA ASP B 33 -31.99 13.34 -13.42
C ASP B 33 -31.31 13.41 -14.79
N ALA B 34 -31.84 14.27 -15.66
CA ALA B 34 -31.29 14.49 -17.01
C ALA B 34 -29.84 14.93 -16.97
N TRP B 35 -29.53 15.92 -16.13
CA TRP B 35 -28.17 16.45 -16.03
C TRP B 35 -27.19 15.41 -15.50
N ILE B 36 -27.60 14.70 -14.45
CA ILE B 36 -26.75 13.68 -13.83
C ILE B 36 -26.48 12.54 -14.81
N SER B 37 -27.53 12.04 -15.46
CA SER B 37 -27.42 10.90 -16.38
C SER B 37 -26.60 11.24 -17.63
N SER B 38 -26.83 12.43 -18.17
CA SER B 38 -26.05 12.93 -19.31
C SER B 38 -24.56 13.05 -18.98
N ARG B 39 -24.25 13.67 -17.85
CA ARG B 39 -22.87 13.95 -17.46
C ARG B 39 -22.07 12.69 -17.07
N THR B 40 -22.68 11.83 -16.26
CA THR B 40 -21.96 10.70 -15.65
C THR B 40 -22.40 9.31 -16.10
N GLY B 41 -23.65 9.20 -16.57
CA GLY B 41 -24.25 7.90 -16.87
C GLY B 41 -24.78 7.17 -15.64
N VAL B 42 -24.69 7.83 -14.47
CA VAL B 42 -25.13 7.22 -13.22
C VAL B 42 -26.61 7.49 -12.99
N ARG B 43 -27.34 6.46 -12.56
CA ARG B 43 -28.75 6.60 -12.20
C ARG B 43 -29.01 6.36 -10.71
N GLN B 44 -28.13 5.58 -10.08
CA GLN B 44 -28.14 5.46 -8.62
C GLN B 44 -26.77 5.05 -8.12
N ARG B 45 -26.56 5.18 -6.82
CA ARG B 45 -25.31 4.77 -6.21
C ARG B 45 -25.55 4.39 -4.75
N HIS B 46 -24.75 3.44 -4.25
CA HIS B 46 -24.90 2.91 -2.90
C HIS B 46 -24.02 3.70 -1.94
N ILE B 47 -24.56 3.99 -0.76
CA ILE B 47 -23.90 4.89 0.20
C ILE B 47 -23.62 4.16 1.52
N ALA B 48 -22.36 4.13 1.92
CA ALA B 48 -21.91 3.34 3.05
C ALA B 48 -22.43 3.85 4.40
N GLY B 49 -22.43 5.17 4.59
CA GLY B 49 -22.91 5.77 5.84
C GLY B 49 -22.07 5.39 7.06
N ASP B 50 -22.66 4.71 8.03
CA ASP B 50 -21.95 4.31 9.25
C ASP B 50 -20.93 3.19 8.98
N LEU B 51 -21.13 2.43 7.91
CA LEU B 51 -20.17 1.39 7.52
C LEU B 51 -18.92 2.02 6.91
N GLY B 52 -17.76 1.49 7.25
CA GLY B 52 -16.49 1.87 6.62
C GLY B 52 -16.08 0.85 5.57
N SER B 53 -14.96 1.12 4.89
CA SER B 53 -14.40 0.19 3.92
C SER B 53 -14.10 -1.19 4.51
N GLY B 54 -13.66 -1.24 5.76
CA GLY B 54 -13.40 -2.51 6.43
C GLY B 54 -14.63 -3.42 6.49
N ASP B 55 -15.78 -2.81 6.79
CA ASP B 55 -17.06 -3.54 6.87
C ASP B 55 -17.44 -4.10 5.51
N LEU B 56 -17.35 -3.27 4.47
CA LEU B 56 -17.69 -3.69 3.11
C LEU B 56 -16.72 -4.75 2.61
N ALA B 57 -15.43 -4.56 2.91
CA ALA B 57 -14.39 -5.48 2.48
C ALA B 57 -14.55 -6.88 3.08
N LEU B 58 -14.96 -6.94 4.34
CA LEU B 58 -15.19 -8.22 5.02
C LEU B 58 -16.28 -9.01 4.29
N ARG B 59 -17.39 -8.36 3.99
CA ARG B 59 -18.49 -8.99 3.26
C ARG B 59 -18.11 -9.45 1.85
N ALA B 60 -17.44 -8.59 1.10
CA ALA B 60 -16.95 -8.95 -0.24
C ALA B 60 -16.00 -10.14 -0.17
N ALA B 61 -15.07 -10.08 0.79
CA ALA B 61 -14.08 -11.14 0.98
C ALA B 61 -14.72 -12.49 1.30
N SER B 62 -15.66 -12.50 2.25
CA SER B 62 -16.39 -13.72 2.62
C SER B 62 -17.08 -14.33 1.40
N ALA B 63 -17.74 -13.50 0.61
CA ALA B 63 -18.40 -13.96 -0.61
C ALA B 63 -17.41 -14.58 -1.60
N ALA B 64 -16.25 -13.95 -1.76
CA ALA B 64 -15.23 -14.43 -2.70
C ALA B 64 -14.63 -15.77 -2.24
N LEU B 65 -14.43 -15.93 -0.94
CA LEU B 65 -13.99 -17.23 -0.40
C LEU B 65 -14.99 -18.34 -0.72
N ALA B 66 -16.27 -18.06 -0.51
CA ALA B 66 -17.33 -19.03 -0.80
C ALA B 66 -17.37 -19.38 -2.30
N SER B 67 -17.19 -18.38 -3.14
CA SER B 67 -17.11 -18.56 -4.59
C SER B 67 -15.98 -19.51 -4.98
N ALA B 68 -14.85 -19.39 -4.27
CA ALA B 68 -13.68 -20.25 -4.49
C ALA B 68 -13.76 -21.59 -3.80
N GLY B 69 -14.72 -21.77 -2.90
CA GLY B 69 -14.86 -23.00 -2.13
C GLY B 69 -13.77 -23.17 -1.07
N LEU B 70 -13.25 -22.05 -0.58
CA LEU B 70 -12.19 -22.06 0.42
C LEU B 70 -12.67 -21.40 1.69
N GLU B 71 -12.19 -21.87 2.84
CA GLU B 71 -12.42 -21.19 4.11
C GLU B 71 -11.25 -20.26 4.45
N ARG B 72 -10.09 -20.51 3.85
CA ARG B 72 -8.88 -19.77 4.18
C ARG B 72 -7.97 -19.50 3.00
N VAL B 73 -7.27 -18.38 3.08
CA VAL B 73 -6.17 -18.05 2.18
C VAL B 73 -4.99 -17.52 3.01
N ASP B 74 -3.82 -17.40 2.38
CA ASP B 74 -2.61 -16.94 3.08
C ASP B 74 -2.56 -15.42 3.28
N ALA B 75 -3.14 -14.67 2.35
CA ALA B 75 -2.92 -13.22 2.31
C ALA B 75 -4.19 -12.45 2.00
N VAL B 76 -4.25 -11.22 2.51
CA VAL B 76 -5.34 -10.28 2.20
C VAL B 76 -4.73 -8.92 1.91
N VAL B 77 -5.01 -8.40 0.71
CA VAL B 77 -4.63 -7.04 0.35
C VAL B 77 -5.89 -6.26 0.05
N LEU B 78 -6.05 -5.10 0.70
CA LEU B 78 -7.09 -4.16 0.34
C LEU B 78 -6.50 -3.03 -0.50
N ALA B 79 -6.99 -2.91 -1.73
CA ALA B 79 -6.74 -1.74 -2.55
C ALA B 79 -7.79 -0.69 -2.19
N THR B 80 -7.35 0.38 -1.53
CA THR B 80 -8.27 1.39 -1.02
C THR B 80 -7.56 2.72 -0.81
N SER B 81 -8.33 3.80 -0.90
CA SER B 81 -7.86 5.15 -0.53
C SER B 81 -8.68 5.69 0.62
N THR B 82 -9.53 4.84 1.20
CA THR B 82 -10.46 5.23 2.26
C THR B 82 -10.47 4.17 3.36
N GLY B 83 -9.28 3.82 3.83
CA GLY B 83 -9.15 2.85 4.91
C GLY B 83 -9.77 3.36 6.20
N ASP B 84 -10.00 2.43 7.13
CA ASP B 84 -10.71 2.73 8.38
C ASP B 84 -9.88 3.63 9.28
N PHE B 85 -8.56 3.55 9.15
CA PHE B 85 -7.63 4.34 9.98
C PHE B 85 -6.59 5.01 9.08
N CYS B 86 -5.89 6.00 9.62
CA CYS B 86 -4.67 6.50 9.00
C CYS B 86 -3.53 5.51 9.29
N CYS B 87 -3.57 4.93 10.49
CA CYS B 87 -2.65 3.86 10.89
C CYS B 87 -3.41 3.03 11.91
N PRO B 88 -3.44 1.70 11.76
CA PRO B 88 -2.81 0.84 10.78
C PRO B 88 -3.62 0.70 9.49
N ALA B 89 -3.19 -0.24 8.64
CA ALA B 89 -3.99 -0.68 7.54
C ALA B 89 -5.24 -1.38 8.05
N THR B 90 -6.23 -1.49 7.17
CA THR B 90 -7.49 -2.17 7.44
C THR B 90 -7.42 -3.68 7.16
N ALA B 91 -6.56 -4.08 6.22
CA ALA B 91 -6.43 -5.48 5.81
C ALA B 91 -6.21 -6.49 6.95
N PRO B 92 -5.32 -6.16 7.92
CA PRO B 92 -5.14 -7.13 9.02
C PRO B 92 -6.43 -7.45 9.80
N ARG B 93 -7.24 -6.42 10.06
CA ARG B 93 -8.50 -6.61 10.77
C ARG B 93 -9.47 -7.47 9.95
N VAL B 94 -9.55 -7.19 8.66
CA VAL B 94 -10.37 -7.99 7.75
C VAL B 94 -9.92 -9.45 7.79
N ALA B 95 -8.62 -9.67 7.65
CA ALA B 95 -8.07 -11.03 7.68
C ALA B 95 -8.41 -11.75 8.99
N ALA B 96 -8.30 -11.04 10.10
CA ALA B 96 -8.61 -11.60 11.42
C ALA B 96 -10.07 -12.01 11.53
N ARG B 97 -10.97 -11.12 11.12
CA ARG B 97 -12.40 -11.39 11.21
C ARG B 97 -12.88 -12.49 10.24
N LEU B 98 -12.11 -12.72 9.19
CA LEU B 98 -12.31 -13.87 8.29
C LEU B 98 -11.82 -15.20 8.87
N GLY B 99 -11.14 -15.15 10.01
CA GLY B 99 -10.64 -16.35 10.69
C GLY B 99 -9.35 -16.88 10.09
N LEU B 100 -8.62 -16.02 9.39
CA LEU B 100 -7.38 -16.43 8.73
C LEU B 100 -6.25 -16.58 9.74
N VAL B 101 -5.23 -17.33 9.33
CA VAL B 101 -4.09 -17.64 10.19
C VAL B 101 -2.92 -16.70 9.89
N GLY B 102 -2.65 -15.80 10.84
CA GLY B 102 -1.57 -14.82 10.71
C GLY B 102 -1.35 -14.34 9.29
N ALA B 103 -2.40 -13.81 8.68
CA ALA B 103 -2.35 -13.46 7.26
C ALA B 103 -1.29 -12.43 6.90
N LEU B 104 -0.64 -12.64 5.76
CA LEU B 104 0.09 -11.59 5.08
C LEU B 104 -0.96 -10.56 4.66
N ALA B 105 -0.88 -9.35 5.21
CA ALA B 105 -1.97 -8.37 5.07
C ALA B 105 -1.49 -6.92 5.08
N PHE B 106 -1.89 -6.19 4.05
CA PHE B 106 -1.61 -4.75 3.95
C PHE B 106 -2.61 -4.05 3.02
N ASP B 107 -2.62 -2.72 3.08
CA ASP B 107 -3.42 -1.91 2.15
C ASP B 107 -2.51 -1.32 1.07
N LEU B 108 -3.04 -1.23 -0.15
CA LEU B 108 -2.32 -0.69 -1.29
C LEU B 108 -3.07 0.55 -1.77
N SER B 109 -2.33 1.63 -2.00
CA SER B 109 -2.90 2.90 -2.46
C SER B 109 -2.53 3.20 -3.91
N ALA B 110 -3.53 3.14 -4.79
CA ALA B 110 -3.39 3.61 -6.16
C ALA B 110 -4.72 4.09 -6.74
N ALA B 111 -5.56 4.65 -5.86
CA ALA B 111 -6.81 5.29 -6.26
C ALA B 111 -7.66 4.38 -7.16
N ALA B 112 -8.17 4.92 -8.27
CA ALA B 112 -9.05 4.16 -9.16
C ALA B 112 -8.30 3.10 -9.96
N THR B 113 -6.97 3.11 -9.91
CA THR B 113 -6.17 2.03 -10.49
C THR B 113 -5.81 0.96 -9.46
N GLY B 114 -6.33 1.07 -8.24
CA GLY B 114 -5.96 0.20 -7.13
C GLY B 114 -6.16 -1.30 -7.32
N PHE B 115 -7.23 -1.71 -7.98
CA PHE B 115 -7.48 -3.13 -8.22
C PHE B 115 -6.45 -3.74 -9.18
N VAL B 116 -6.12 -3.00 -10.23
CA VAL B 116 -5.10 -3.43 -11.20
C VAL B 116 -3.73 -3.51 -10.54
N TYR B 117 -3.34 -2.46 -9.82
CA TYR B 117 -2.09 -2.51 -9.02
C TYR B 117 -2.13 -3.65 -8.01
N GLY B 118 -3.30 -3.87 -7.40
CA GLY B 118 -3.49 -4.95 -6.45
C GLY B 118 -3.25 -6.32 -7.04
N LEU B 119 -3.76 -6.54 -8.26
CA LEU B 119 -3.56 -7.81 -8.95
C LEU B 119 -2.06 -8.03 -9.22
N ALA B 120 -1.36 -6.97 -9.59
CA ALA B 120 0.09 -7.04 -9.81
C ALA B 120 0.83 -7.43 -8.53
N SER B 121 0.49 -6.79 -7.43
CA SER B 121 1.18 -7.02 -6.16
C SER B 121 0.85 -8.41 -5.63
N VAL B 122 -0.43 -8.73 -5.53
CA VAL B 122 -0.87 -10.01 -5.00
C VAL B 122 -0.45 -11.15 -5.92
N GLY B 123 -0.61 -10.95 -7.23
CA GLY B 123 -0.22 -11.96 -8.21
C GLY B 123 1.27 -12.27 -8.12
N SER B 124 2.08 -11.23 -7.93
CA SER B 124 3.52 -11.38 -7.83
C SER B 124 3.92 -12.06 -6.52
N LEU B 125 3.23 -11.75 -5.41
CA LEU B 125 3.48 -12.44 -4.14
C LEU B 125 3.30 -13.94 -4.28
N ILE B 126 2.24 -14.33 -4.99
CA ILE B 126 1.95 -15.74 -5.27
C ILE B 126 2.98 -16.33 -6.21
N SER B 127 3.21 -15.66 -7.34
CA SER B 127 4.20 -16.13 -8.32
C SER B 127 5.59 -16.33 -7.72
N ALA B 128 5.99 -15.42 -6.82
CA ALA B 128 7.30 -15.47 -6.16
C ALA B 128 7.37 -16.48 -5.01
N GLY B 129 6.22 -17.04 -4.62
CA GLY B 129 6.16 -18.08 -3.59
C GLY B 129 6.05 -17.59 -2.17
N LEU B 130 5.64 -16.33 -1.99
CA LEU B 130 5.44 -15.76 -0.65
C LEU B 130 4.04 -16.05 -0.12
N ALA B 131 3.12 -16.39 -1.03
CA ALA B 131 1.77 -16.83 -0.69
C ALA B 131 1.32 -17.88 -1.72
N ASP B 132 0.48 -18.82 -1.28
CA ASP B 132 -0.10 -19.82 -2.17
C ASP B 132 -1.53 -19.48 -2.56
N SER B 133 -2.18 -18.63 -1.77
CA SER B 133 -3.50 -18.14 -2.08
C SER B 133 -3.65 -16.75 -1.48
N ALA B 134 -4.57 -15.97 -2.03
CA ALA B 134 -4.73 -14.59 -1.57
C ALA B 134 -6.09 -14.04 -1.90
N LEU B 135 -6.56 -13.13 -1.04
CA LEU B 135 -7.71 -12.28 -1.32
C LEU B 135 -7.20 -10.91 -1.74
N LEU B 136 -7.73 -10.39 -2.85
CA LEU B 136 -7.56 -9.00 -3.20
C LEU B 136 -8.93 -8.35 -3.15
N VAL B 137 -9.08 -7.32 -2.32
CA VAL B 137 -10.34 -6.58 -2.22
C VAL B 137 -10.12 -5.15 -2.73
N GLY B 138 -10.83 -4.78 -3.78
CA GLY B 138 -10.96 -3.37 -4.15
C GLY B 138 -12.13 -2.80 -3.39
N VAL B 139 -11.87 -1.85 -2.50
CA VAL B 139 -12.91 -1.26 -1.68
C VAL B 139 -12.67 0.25 -1.52
N ASP B 140 -13.72 1.04 -1.72
CA ASP B 140 -13.67 2.45 -1.39
C ASP B 140 -15.04 2.96 -0.95
N THR B 141 -14.99 3.93 -0.03
CA THR B 141 -16.18 4.62 0.45
C THR B 141 -15.97 6.12 0.22
N PHE B 142 -15.85 6.50 -1.04
CA PHE B 142 -15.61 7.90 -1.39
C PHE B 142 -16.71 8.86 -0.92
N SER B 143 -17.93 8.35 -0.72
CA SER B 143 -19.04 9.20 -0.25
C SER B 143 -18.73 9.93 1.09
N HIS B 144 -17.90 9.31 1.93
CA HIS B 144 -17.45 9.92 3.19
C HIS B 144 -16.58 11.15 2.98
N THR B 145 -16.03 11.34 1.78
CA THR B 145 -15.03 12.38 1.53
C THR B 145 -15.51 13.48 0.57
N LEU B 146 -16.78 13.39 0.14
CA LEU B 146 -17.34 14.34 -0.83
C LEU B 146 -17.94 15.56 -0.15
N ASP B 147 -17.82 16.70 -0.82
CA ASP B 147 -18.46 17.94 -0.41
C ASP B 147 -19.97 17.79 -0.58
N PRO B 148 -20.74 17.94 0.51
CA PRO B 148 -22.21 17.82 0.40
C PRO B 148 -22.87 18.71 -0.66
N ALA B 149 -22.27 19.86 -0.97
CA ALA B 149 -22.83 20.80 -1.95
C ALA B 149 -22.32 20.62 -3.39
N ASP B 150 -21.41 19.68 -3.60
CA ASP B 150 -20.74 19.48 -4.90
C ASP B 150 -21.54 18.46 -5.72
N ARG B 151 -22.31 18.95 -6.69
CA ARG B 151 -23.17 18.07 -7.49
C ARG B 151 -22.38 17.16 -8.44
N SER B 152 -21.23 17.63 -8.94
CA SER B 152 -20.44 16.84 -9.88
C SER B 152 -19.91 15.55 -9.27
N THR B 153 -19.27 15.66 -8.11
CA THR B 153 -18.68 14.48 -7.47
C THR B 153 -19.75 13.59 -6.82
N ARG B 154 -20.79 14.19 -6.25
CA ARG B 154 -21.85 13.41 -5.62
C ARG B 154 -22.72 12.70 -6.64
N ALA B 155 -22.84 13.27 -7.84
CA ALA B 155 -23.50 12.61 -8.97
C ALA B 155 -22.72 11.36 -9.41
N LEU B 156 -21.39 11.41 -9.30
CA LEU B 156 -20.55 10.40 -9.90
C LEU B 156 -20.26 9.22 -8.97
N PHE B 157 -19.86 9.51 -7.75
CA PHE B 157 -19.25 8.49 -6.89
C PHE B 157 -20.24 7.74 -6.01
N GLY B 158 -20.02 6.43 -5.90
CA GLY B 158 -20.74 5.57 -4.98
C GLY B 158 -19.75 4.74 -4.20
N ASP B 159 -20.26 3.92 -3.28
CA ASP B 159 -19.44 3.10 -2.40
C ASP B 159 -19.67 1.61 -2.66
N GLY B 160 -18.67 0.80 -2.31
CA GLY B 160 -18.76 -0.65 -2.47
C GLY B 160 -17.45 -1.36 -2.31
N ALA B 161 -17.51 -2.69 -2.38
CA ALA B 161 -16.33 -3.54 -2.36
C ALA B 161 -16.52 -4.75 -3.28
N GLY B 162 -15.42 -5.14 -3.92
CA GLY B 162 -15.39 -6.30 -4.79
C GLY B 162 -14.09 -7.03 -4.55
N ALA B 163 -14.14 -8.36 -4.57
CA ALA B 163 -12.97 -9.16 -4.23
C ALA B 163 -12.81 -10.35 -5.16
N VAL B 164 -11.56 -10.75 -5.38
CA VAL B 164 -11.24 -12.00 -6.03
C VAL B 164 -10.34 -12.82 -5.14
N VAL B 165 -10.39 -14.14 -5.30
CA VAL B 165 -9.40 -15.03 -4.73
C VAL B 165 -8.43 -15.40 -5.84
N LEU B 166 -7.13 -15.32 -5.56
CA LEU B 166 -6.09 -15.82 -6.46
C LEU B 166 -5.40 -17.00 -5.81
N ARG B 167 -5.02 -17.99 -6.61
CA ARG B 167 -4.26 -19.14 -6.14
C ARG B 167 -3.05 -19.41 -7.03
N ALA B 168 -2.07 -20.10 -6.47
CA ALA B 168 -0.94 -20.58 -7.26
C ALA B 168 -1.44 -21.54 -8.33
N GLY B 169 -0.91 -21.41 -9.54
CA GLY B 169 -1.29 -22.28 -10.64
C GLY B 169 -0.32 -22.22 -11.81
N ASP B 170 -0.76 -22.71 -12.96
CA ASP B 170 0.04 -22.73 -14.18
C ASP B 170 -0.45 -21.65 -15.14
N ALA B 171 0.49 -21.09 -15.91
CA ALA B 171 0.18 -20.04 -16.88
C ALA B 171 -0.84 -20.47 -17.95
N GLU B 172 -0.95 -21.77 -18.21
CA GLU B 172 -1.89 -22.30 -19.21
CA GLU B 172 -1.88 -22.27 -19.21
C GLU B 172 -3.32 -22.37 -18.67
N GLU B 173 -3.50 -22.26 -17.36
CA GLU B 173 -4.83 -22.38 -16.76
C GLU B 173 -5.67 -21.14 -17.06
N GLU B 174 -6.95 -21.36 -17.32
CA GLU B 174 -7.89 -20.24 -17.38
C GLU B 174 -7.87 -19.49 -16.05
N GLY B 175 -7.86 -18.16 -16.12
CA GLY B 175 -7.83 -17.33 -14.93
C GLY B 175 -6.42 -16.88 -14.56
N ALA B 176 -5.41 -17.47 -15.19
CA ALA B 176 -4.02 -17.06 -15.00
C ALA B 176 -3.83 -15.60 -15.45
N LEU B 177 -3.16 -14.80 -14.62
CA LEU B 177 -2.82 -13.43 -15.00
C LEU B 177 -1.67 -13.48 -16.02
N LEU B 178 -1.94 -13.04 -17.25
CA LEU B 178 -1.06 -13.30 -18.38
C LEU B 178 -0.04 -12.22 -18.68
N ALA B 179 -0.45 -10.96 -18.54
CA ALA B 179 0.41 -9.83 -18.85
C ALA B 179 -0.08 -8.59 -18.14
N PHE B 180 0.86 -7.67 -17.88
CA PHE B 180 0.60 -6.44 -17.14
C PHE B 180 1.13 -5.20 -17.86
N ASP B 181 0.47 -4.09 -17.62
CA ASP B 181 1.01 -2.76 -17.87
C ASP B 181 0.69 -1.90 -16.66
N LEU B 182 1.69 -1.16 -16.17
CA LEU B 182 1.53 -0.34 -14.97
C LEU B 182 2.32 0.95 -15.14
N GLY B 183 1.71 2.07 -14.78
CA GLY B 183 2.39 3.35 -14.90
C GLY B 183 1.83 4.43 -14.00
N SER B 184 2.39 5.62 -14.15
CA SER B 184 2.03 6.77 -13.34
C SER B 184 2.52 8.07 -13.99
N ASP B 185 1.92 9.17 -13.59
CA ASP B 185 2.48 10.48 -13.86
C ASP B 185 2.15 11.42 -12.71
N GLY B 186 3.07 11.46 -11.76
CA GLY B 186 2.96 12.28 -10.58
C GLY B 186 3.09 13.77 -10.78
N HIS B 187 3.50 14.20 -11.98
CA HIS B 187 3.50 15.62 -12.31
C HIS B 187 2.07 16.17 -12.40
N GLN B 188 1.12 15.27 -12.66
CA GLN B 188 -0.28 15.63 -12.80
C GLN B 188 -1.09 15.25 -11.57
N PHE B 189 -0.43 15.14 -10.42
CA PHE B 189 -1.05 14.68 -9.17
C PHE B 189 -2.26 15.51 -8.68
N ASP B 190 -2.32 16.78 -9.09
CA ASP B 190 -3.32 17.70 -8.56
C ASP B 190 -4.70 17.58 -9.21
N LEU B 191 -4.82 16.76 -10.26
CA LEU B 191 -6.10 16.67 -10.99
C LEU B 191 -7.20 15.96 -10.20
N LEU B 192 -6.83 14.97 -9.40
CA LEU B 192 -7.78 14.21 -8.61
C LEU B 192 -7.21 14.10 -7.20
N MET B 193 -7.92 14.63 -6.21
CA MET B 193 -7.32 14.73 -4.88
C MET B 193 -8.28 14.83 -3.71
N THR B 194 -7.96 14.07 -2.67
CA THR B 194 -8.57 14.20 -1.35
C THR B 194 -7.45 14.58 -0.37
N PRO B 195 -7.43 15.86 0.07
CA PRO B 195 -6.32 16.27 0.95
C PRO B 195 -6.34 15.54 2.29
N ALA B 196 -5.16 15.41 2.90
CA ALA B 196 -5.07 15.05 4.31
C ALA B 196 -5.44 16.30 5.10
N VAL B 197 -6.17 16.14 6.21
CA VAL B 197 -6.65 17.30 6.96
C VAL B 197 -5.62 17.77 7.97
N SER B 198 -5.37 19.08 8.00
CA SER B 198 -4.39 19.68 8.91
C SER B 198 -4.86 19.56 10.35
N ARG B 199 -3.93 19.30 11.25
CA ARG B 199 -4.25 19.23 12.69
C ARG B 199 -4.00 20.54 13.43
N ALA B 200 -3.59 21.59 12.72
CA ALA B 200 -3.35 22.90 13.35
C ALA B 200 -4.67 23.64 13.59
N ASN B 209 -11.63 20.52 2.90
CA ASN B 209 -10.70 19.54 2.36
C ASN B 209 -11.43 18.30 1.86
N TYR B 210 -12.42 18.50 1.00
CA TYR B 210 -13.15 17.39 0.39
C TYR B 210 -12.40 16.89 -0.85
N PHE B 211 -12.82 15.75 -1.38
CA PHE B 211 -12.35 15.31 -2.69
C PHE B 211 -12.67 16.39 -3.73
N ARG B 212 -11.69 16.67 -4.58
CA ARG B 212 -11.93 17.55 -5.73
C ARG B 212 -11.35 16.94 -6.99
N MET B 213 -11.97 17.25 -8.12
CA MET B 213 -11.49 16.80 -9.41
C MET B 213 -11.60 17.93 -10.44
N ASP B 214 -10.62 17.98 -11.33
CA ASP B 214 -10.68 18.81 -12.53
C ASP B 214 -11.23 17.90 -13.64
N GLY B 215 -12.56 17.89 -13.76
CA GLY B 215 -13.24 16.97 -14.67
C GLY B 215 -12.84 17.11 -16.12
N LYS B 216 -12.67 18.35 -16.58
CA LYS B 216 -12.30 18.59 -17.98
C LYS B 216 -10.91 18.02 -18.27
N ALA B 217 -9.92 18.39 -17.46
CA ALA B 217 -8.56 17.85 -17.59
C ALA B 217 -8.49 16.33 -17.43
N VAL B 218 -9.25 15.79 -16.48
CA VAL B 218 -9.26 14.35 -16.21
C VAL B 218 -9.78 13.55 -17.41
N PHE B 219 -10.80 14.08 -18.09
CA PHE B 219 -11.42 13.35 -19.21
C PHE B 219 -10.39 12.96 -20.28
N GLY B 220 -9.62 13.93 -20.74
CA GLY B 220 -8.61 13.70 -21.78
C GLY B 220 -7.56 12.69 -21.37
N GLN B 221 -7.06 12.82 -20.14
CA GLN B 221 -6.03 11.91 -19.62
C GLN B 221 -6.57 10.49 -19.39
N ALA B 222 -7.79 10.38 -18.87
CA ALA B 222 -8.41 9.07 -18.66
C ALA B 222 -8.54 8.29 -19.98
N VAL B 223 -9.04 8.97 -21.00
CA VAL B 223 -9.22 8.34 -22.31
C VAL B 223 -7.88 7.91 -22.91
N THR B 224 -6.93 8.82 -22.92
CA THR B 224 -5.62 8.57 -23.54
C THR B 224 -4.80 7.51 -22.79
N GLN B 225 -4.76 7.58 -21.46
CA GLN B 225 -3.93 6.66 -20.68
C GLN B 225 -4.52 5.25 -20.58
N MET B 226 -5.84 5.14 -20.39
CA MET B 226 -6.47 3.81 -20.40
C MET B 226 -6.32 3.17 -21.78
N SER B 227 -6.54 3.93 -22.84
CA SER B 227 -6.43 3.42 -24.21
C SER B 227 -5.02 2.90 -24.49
N ASP B 228 -4.01 3.71 -24.18
CA ASP B 228 -2.63 3.29 -24.39
C ASP B 228 -2.20 2.12 -23.50
N SER B 229 -2.68 2.10 -22.26
CA SER B 229 -2.35 1.01 -21.35
C SER B 229 -2.89 -0.32 -21.89
N VAL B 230 -4.11 -0.30 -22.41
CA VAL B 230 -4.73 -1.49 -23.02
C VAL B 230 -3.95 -1.92 -24.25
N ARG B 231 -3.60 -0.98 -25.12
CA ARG B 231 -2.80 -1.32 -26.30
C ARG B 231 -1.49 -2.00 -25.92
N ARG B 232 -0.82 -1.48 -24.90
CA ARG B 232 0.44 -2.05 -24.45
C ARG B 232 0.27 -3.47 -23.89
N VAL B 233 -0.77 -3.69 -23.07
CA VAL B 233 -0.99 -5.04 -22.53
C VAL B 233 -1.44 -6.03 -23.61
N LEU B 234 -2.21 -5.56 -24.61
CA LEU B 234 -2.62 -6.39 -25.74
C LEU B 234 -1.41 -6.90 -26.52
N ASP B 235 -0.48 -5.99 -26.84
CA ASP B 235 0.77 -6.37 -27.50
C ASP B 235 1.56 -7.41 -26.69
N ARG B 236 1.55 -7.27 -25.36
CA ARG B 236 2.33 -8.16 -24.50
C ARG B 236 1.77 -9.58 -24.44
N VAL B 237 0.45 -9.70 -24.43
CA VAL B 237 -0.22 -11.00 -24.39
C VAL B 237 -0.41 -11.58 -25.81
N GLY B 238 -0.23 -10.76 -26.83
CA GLY B 238 -0.35 -11.20 -28.22
C GLY B 238 -1.76 -11.21 -28.78
N TRP B 239 -2.62 -10.32 -28.28
CA TRP B 239 -3.97 -10.17 -28.82
C TRP B 239 -4.15 -8.83 -29.49
N GLN B 240 -5.05 -8.78 -30.46
CA GLN B 240 -5.55 -7.53 -31.01
C GLN B 240 -6.80 -7.17 -30.22
N ALA B 241 -7.18 -5.89 -30.24
CA ALA B 241 -8.41 -5.44 -29.58
C ALA B 241 -9.62 -6.27 -30.02
N SER B 242 -9.66 -6.60 -31.31
CA SER B 242 -10.75 -7.40 -31.87
C SER B 242 -10.83 -8.84 -31.35
N ASP B 243 -9.76 -9.31 -30.70
CA ASP B 243 -9.76 -10.66 -30.09
C ASP B 243 -10.41 -10.68 -28.70
N LEU B 244 -10.58 -9.51 -28.10
CA LEU B 244 -11.16 -9.43 -26.75
C LEU B 244 -12.63 -9.80 -26.77
N HIS B 245 -13.03 -10.60 -25.79
CA HIS B 245 -14.44 -10.83 -25.51
C HIS B 245 -14.95 -9.76 -24.55
N HIS B 246 -14.08 -9.32 -23.63
CA HIS B 246 -14.44 -8.33 -22.61
C HIS B 246 -13.32 -7.37 -22.28
N LEU B 247 -13.67 -6.08 -22.22
CA LEU B 247 -12.86 -5.08 -21.58
C LEU B 247 -13.63 -4.70 -20.31
N VAL B 248 -12.96 -4.75 -19.17
CA VAL B 248 -13.58 -4.38 -17.90
C VAL B 248 -12.79 -3.23 -17.30
N PRO B 249 -13.21 -1.99 -17.60
CA PRO B 249 -12.51 -0.82 -17.12
C PRO B 249 -12.96 -0.32 -15.77
N HIS B 250 -12.10 0.48 -15.14
CA HIS B 250 -12.55 1.34 -14.04
C HIS B 250 -13.69 2.16 -14.61
N GLN B 251 -14.76 2.29 -13.82
CA GLN B 251 -16.00 2.90 -14.28
C GLN B 251 -15.94 4.42 -14.06
N ALA B 252 -15.12 5.08 -14.87
CA ALA B 252 -14.77 6.48 -14.66
C ALA B 252 -15.98 7.39 -14.88
N ASN B 253 -16.61 7.22 -16.04
CA ASN B 253 -17.99 7.64 -16.32
C ASN B 253 -18.34 7.10 -17.70
N THR B 254 -19.60 7.24 -18.12
CA THR B 254 -20.03 6.61 -19.37
C THR B 254 -19.36 7.20 -20.61
N ARG B 255 -19.19 8.52 -20.66
CA ARG B 255 -18.57 9.16 -21.82
C ARG B 255 -17.09 8.74 -21.97
N ILE B 256 -16.39 8.59 -20.85
CA ILE B 256 -15.00 8.15 -20.87
C ILE B 256 -14.89 6.73 -21.41
N LEU B 257 -15.74 5.82 -20.93
CA LEU B 257 -15.76 4.45 -21.43
C LEU B 257 -16.04 4.39 -22.93
N ALA B 258 -17.00 5.19 -23.39
CA ALA B 258 -17.35 5.24 -24.81
C ALA B 258 -16.18 5.75 -25.66
N ALA B 259 -15.47 6.75 -25.15
CA ALA B 259 -14.30 7.31 -25.84
C ALA B 259 -13.15 6.31 -25.90
N VAL B 260 -12.96 5.56 -24.81
CA VAL B 260 -11.96 4.48 -24.78
C VAL B 260 -12.32 3.38 -25.80
N ALA B 261 -13.59 2.99 -25.84
CA ALA B 261 -14.04 1.96 -26.78
C ALA B 261 -13.77 2.39 -28.22
N ASP B 262 -14.15 3.63 -28.56
CA ASP B 262 -13.95 4.17 -29.90
C ASP B 262 -12.47 4.25 -30.25
N GLN B 263 -11.68 4.75 -29.32
CA GLN B 263 -10.22 4.83 -29.50
C GLN B 263 -9.59 3.46 -29.76
N LEU B 264 -10.09 2.42 -29.08
CA LEU B 264 -9.57 1.06 -29.24
C LEU B 264 -10.23 0.24 -30.36
N ASP B 265 -11.20 0.84 -31.05
CA ASP B 265 -12.01 0.14 -32.06
C ASP B 265 -12.67 -1.09 -31.44
N LEU B 266 -13.28 -0.86 -30.28
CA LEU B 266 -14.02 -1.89 -29.55
CA LEU B 266 -14.03 -1.88 -29.55
C LEU B 266 -15.51 -1.51 -29.54
N PRO B 267 -16.40 -2.50 -29.74
CA PRO B 267 -17.81 -2.14 -29.58
C PRO B 267 -18.14 -1.99 -28.10
N VAL B 268 -19.00 -1.03 -27.76
CA VAL B 268 -19.37 -0.83 -26.36
C VAL B 268 -20.05 -2.07 -25.76
N GLU B 269 -20.63 -2.90 -26.61
CA GLU B 269 -21.22 -4.17 -26.20
C GLU B 269 -20.23 -5.12 -25.50
N ARG B 270 -18.94 -4.96 -25.78
CA ARG B 270 -17.89 -5.78 -25.16
C ARG B 270 -17.21 -5.09 -23.97
N VAL B 271 -17.65 -3.88 -23.64
CA VAL B 271 -17.17 -3.17 -22.47
C VAL B 271 -18.17 -3.42 -21.35
N VAL B 272 -17.72 -4.08 -20.29
CA VAL B 272 -18.59 -4.41 -19.15
C VAL B 272 -18.75 -3.16 -18.30
N SER B 273 -19.99 -2.77 -18.05
CA SER B 273 -20.25 -1.56 -17.28
C SER B 273 -21.55 -1.65 -16.49
N ASN B 274 -21.47 -1.32 -15.20
CA ASN B 274 -22.67 -1.20 -14.35
C ASN B 274 -22.70 0.15 -13.63
N ILE B 275 -22.11 1.16 -14.23
CA ILE B 275 -22.01 2.49 -13.62
C ILE B 275 -23.41 3.12 -13.34
N ALA B 276 -24.40 2.76 -14.16
CA ALA B 276 -25.78 3.21 -13.94
C ALA B 276 -26.32 2.77 -12.58
N GLU B 277 -25.94 1.58 -12.13
CA GLU B 277 -26.47 0.97 -10.92
C GLU B 277 -25.66 1.23 -9.66
N VAL B 278 -24.34 1.40 -9.79
CA VAL B 278 -23.47 1.57 -8.62
C VAL B 278 -22.64 2.85 -8.64
N GLY B 279 -22.68 3.58 -9.74
CA GLY B 279 -21.83 4.75 -9.91
C GLY B 279 -20.36 4.36 -9.96
N ASN B 280 -19.51 5.34 -9.70
CA ASN B 280 -18.06 5.18 -9.74
C ASN B 280 -17.59 4.86 -8.33
N THR B 281 -17.08 3.63 -8.13
CA THR B 281 -16.70 3.14 -6.80
C THR B 281 -15.18 3.02 -6.62
N VAL B 282 -14.43 3.71 -7.48
CA VAL B 282 -12.98 3.79 -7.38
C VAL B 282 -12.36 2.39 -7.40
N ALA B 283 -11.68 1.97 -6.33
CA ALA B 283 -10.95 0.70 -6.37
C ALA B 283 -11.88 -0.50 -6.55
N ALA B 284 -13.13 -0.36 -6.11
CA ALA B 284 -14.12 -1.43 -6.22
C ALA B 284 -14.75 -1.56 -7.61
N SER B 285 -14.47 -0.63 -8.52
CA SER B 285 -15.25 -0.54 -9.76
C SER B 285 -15.09 -1.76 -10.67
N ILE B 286 -13.85 -2.24 -10.83
CA ILE B 286 -13.59 -3.39 -11.69
C ILE B 286 -14.21 -4.69 -11.14
N PRO B 287 -13.93 -5.05 -9.87
CA PRO B 287 -14.56 -6.29 -9.39
C PRO B 287 -16.09 -6.22 -9.27
N LEU B 288 -16.65 -5.03 -8.97
CA LEU B 288 -18.10 -4.86 -8.99
C LEU B 288 -18.66 -5.01 -10.41
N ALA B 289 -17.90 -4.57 -11.42
CA ALA B 289 -18.29 -4.74 -12.82
C ALA B 289 -18.28 -6.22 -13.21
N LEU B 290 -17.24 -6.93 -12.78
CA LEU B 290 -17.17 -8.38 -13.01
C LEU B 290 -18.35 -9.11 -12.36
N ALA B 291 -18.69 -8.71 -11.13
CA ALA B 291 -19.81 -9.30 -10.41
C ALA B 291 -21.12 -9.11 -11.16
N HIS B 292 -21.34 -7.90 -11.64
CA HIS B 292 -22.48 -7.58 -12.51
C HIS B 292 -22.49 -8.45 -13.78
N GLY B 293 -21.33 -8.58 -14.42
CA GLY B 293 -21.20 -9.38 -15.64
C GLY B 293 -21.56 -10.84 -15.42
N LEU B 294 -21.04 -11.40 -14.33
CA LEU B 294 -21.34 -12.78 -13.95
C LEU B 294 -22.83 -12.96 -13.60
N ARG B 295 -23.39 -12.01 -12.86
CA ARG B 295 -24.83 -12.01 -12.54
C ARG B 295 -25.70 -12.03 -13.81
N GLN B 296 -25.31 -11.23 -14.80
CA GLN B 296 -26.04 -11.11 -16.06
C GLN B 296 -25.82 -12.28 -17.03
N GLY B 297 -24.87 -13.16 -16.73
CA GLY B 297 -24.51 -14.26 -17.63
C GLY B 297 -23.79 -13.77 -18.88
N ILE B 298 -23.15 -12.62 -18.77
CA ILE B 298 -22.46 -11.94 -19.87
C ILE B 298 -21.06 -12.49 -20.11
N LEU B 299 -20.40 -12.97 -19.05
CA LEU B 299 -18.99 -13.34 -19.15
C LEU B 299 -18.79 -14.72 -19.78
N ARG B 300 -17.95 -14.75 -20.81
CA ARG B 300 -17.66 -15.96 -21.55
C ARG B 300 -16.65 -16.81 -20.78
N ASP B 301 -16.94 -18.10 -20.63
CA ASP B 301 -16.01 -19.03 -20.01
C ASP B 301 -14.76 -19.06 -20.89
N GLY B 302 -13.60 -18.78 -20.29
CA GLY B 302 -12.33 -18.78 -21.01
C GLY B 302 -12.14 -17.60 -21.95
N GLY B 303 -13.01 -16.58 -21.83
CA GLY B 303 -12.98 -15.44 -22.73
C GLY B 303 -11.78 -14.55 -22.55
N ASN B 304 -11.25 -14.04 -23.66
CA ASN B 304 -10.14 -13.09 -23.64
C ASN B 304 -10.58 -11.79 -22.98
N MET B 305 -9.88 -11.40 -21.91
CA MET B 305 -10.31 -10.29 -21.09
C MET B 305 -9.13 -9.37 -20.75
N VAL B 306 -9.39 -8.07 -20.76
CA VAL B 306 -8.46 -7.09 -20.20
C VAL B 306 -9.19 -6.25 -19.15
N LEU B 307 -8.56 -6.12 -17.99
CA LEU B 307 -9.00 -5.24 -16.93
C LEU B 307 -8.11 -4.00 -17.06
N THR B 308 -8.70 -2.82 -16.94
CA THR B 308 -7.92 -1.59 -17.08
C THR B 308 -8.41 -0.51 -16.15
N GLY B 309 -7.47 0.25 -15.60
CA GLY B 309 -7.79 1.37 -14.73
C GLY B 309 -6.95 2.60 -14.99
N PHE B 310 -7.48 3.74 -14.56
CA PHE B 310 -6.77 5.01 -14.56
C PHE B 310 -7.35 5.78 -13.39
N GLY B 311 -6.52 6.57 -12.72
CA GLY B 311 -7.03 7.41 -11.66
C GLY B 311 -5.99 8.33 -11.05
N ALA B 312 -6.29 8.74 -9.82
CA ALA B 312 -5.49 9.72 -9.12
C ALA B 312 -4.05 9.22 -8.94
N GLY B 313 -3.12 10.16 -8.99
CA GLY B 313 -1.69 9.86 -8.90
C GLY B 313 -0.87 10.84 -9.72
N LEU B 314 -1.04 10.87 -11.03
CA LEU B 314 -1.93 9.95 -11.77
C LEU B 314 -1.38 8.54 -11.84
N THR B 315 -2.28 7.58 -12.00
CA THR B 315 -1.91 6.17 -12.15
C THR B 315 -2.68 5.55 -13.31
N TRP B 316 -2.14 4.47 -13.86
CA TRP B 316 -2.85 3.66 -14.84
C TRP B 316 -2.27 2.27 -14.89
N GLY B 317 -3.01 1.36 -15.51
CA GLY B 317 -2.51 0.02 -15.70
C GLY B 317 -3.56 -0.92 -16.25
N SER B 318 -3.10 -2.03 -16.80
CA SER B 318 -3.96 -3.03 -17.38
C SER B 318 -3.44 -4.43 -17.08
N VAL B 319 -4.35 -5.41 -17.06
CA VAL B 319 -3.99 -6.82 -16.90
C VAL B 319 -4.79 -7.61 -17.92
N ALA B 320 -4.13 -8.56 -18.57
CA ALA B 320 -4.79 -9.48 -19.49
C ALA B 320 -4.91 -10.85 -18.83
N LEU B 321 -6.04 -11.51 -19.06
CA LEU B 321 -6.27 -12.89 -18.62
C LEU B 321 -7.40 -13.51 -19.42
N ARG B 322 -7.47 -14.84 -19.41
CA ARG B 322 -8.64 -15.55 -19.87
CA ARG B 322 -8.64 -15.55 -19.87
C ARG B 322 -9.56 -15.75 -18.66
N TRP B 323 -10.81 -15.33 -18.78
CA TRP B 323 -11.74 -15.38 -17.68
C TRP B 323 -12.17 -16.82 -17.38
N PRO B 324 -12.01 -17.26 -16.11
CA PRO B 324 -12.27 -18.66 -15.80
C PRO B 324 -13.74 -18.90 -15.49
N LYS B 325 -14.12 -20.17 -15.51
CA LYS B 325 -15.47 -20.58 -15.09
C LYS B 325 -15.63 -20.37 -13.58
N ILE B 326 -16.41 -19.36 -13.21
CA ILE B 326 -16.75 -19.08 -11.81
C ILE B 326 -18.24 -19.35 -11.63
N VAL B 327 -18.59 -20.27 -10.73
CA VAL B 327 -20.00 -20.57 -10.47
C VAL B 327 -20.53 -19.57 -9.43
N PRO B 328 -21.59 -18.82 -9.77
CA PRO B 328 -22.17 -17.84 -8.82
C PRO B 328 -22.55 -18.43 -7.47
#